data_3QSB
#
_entry.id   3QSB
#
_cell.length_a   79.176
_cell.length_b   66.519
_cell.length_c   83.117
_cell.angle_alpha   90.00
_cell.angle_beta   115.86
_cell.angle_gamma   90.00
#
_symmetry.space_group_name_H-M   'P 1 21 1'
#
loop_
_entity.id
_entity.type
_entity.pdbx_description
1 polymer 'DNA polymerase III subunit beta'
2 polymer 'DNA polymerase III subunit beta'
3 non-polymer "(1R,5R)-5-{(1Z)-N-[(4'-fluorobiphenyl-4-yl)methoxy]butanimidoyl}-2,2-dimethyl-4,6-dioxocyclohexanecarbonitrile"
4 water water
#
loop_
_entity_poly.entity_id
_entity_poly.type
_entity_poly.pdbx_seq_one_letter_code
_entity_poly.pdbx_strand_id
1 'polypeptide(L)'
;MKFTVEREHLLKPLQQVSGPLGGRPTLPILGNLLLQVADGTLSLTGTDLEMEMVARVALVQPHEPGATTVPARKFFDICR
GLPEGAEIAVQLEGERMLVRSGRSRFSLSTLPAADFPNLDDWQSEVEFTLPQATMKRLIEATQFSMAHQDVRYYLNGMLF
ETEGEELRTVATDGHRLAVCSMPIGQSLPSHSVIVPRKGVIELMRMLDGGDNPLRVQIGSNNIRAHVGDFIFTSKLVDGR
FPDYRRVLPKNPDKHLEAGCDLLKQAFARAAILSNEKFRGVRLYVSENQLKITANNPEQEEAEEILDVTYSGAEMEIGFN
VSYVLDVLNALKCENVRMMLTDSVSSVQIEDAASQSAAYVVMPMRL
;
A
2 'polypeptide(L)'
;MKFTVEREHLLKPLQQVSGPLGGRPTLPILGNLLLQVADGTLSLTGTDLEMEMVARVALVQPHEPGATTVPARKFFDICR
GLPEGAEIAVQLEGERMLVRSGRSRFSLSTLPAADFPNLDDWQSEVEFTLPQATMKRLIEATQFSMAHQDVRYYLNGMLF
ETEGEELRTVATDGHRLAVCSMPIGQSLPSHSVIVPRKGVIELMRMLDGGDNPLRVQIGSNNIRAHVGDFIFTSKLVDGR
FPDYRRVLPKNPDKHLEAG(CSO)DLLKQAFARAAILSNEKFRGVRLYVSENQLKITANNPEQEEAEEILDVTYSGAEME
IGFNVSYVLDVLNALKCENVRMMLTDSVSSVQIEDAASQSAAYVVMPMRL
;
B
#
# COMPACT_ATOMS: atom_id res chain seq x y z
N MET A 1 -6.35 -38.86 -7.37
CA MET A 1 -5.38 -38.00 -6.66
C MET A 1 -5.89 -37.68 -5.27
N LYS A 2 -5.02 -37.91 -4.29
CA LYS A 2 -5.29 -37.67 -2.88
C LYS A 2 -3.98 -37.37 -2.19
N PHE A 3 -4.08 -36.53 -1.18
CA PHE A 3 -2.97 -36.24 -0.30
C PHE A 3 -3.53 -35.59 0.96
N THR A 4 -2.86 -35.77 2.11
CA THR A 4 -3.11 -35.04 3.35
C THR A 4 -1.79 -34.43 3.79
N VAL A 5 -1.80 -33.12 4.02
CA VAL A 5 -0.59 -32.38 4.30
C VAL A 5 -0.96 -31.34 5.35
N GLU A 6 -0.01 -31.04 6.24
N GLU A 6 -0.03 -31.06 6.26
CA GLU A 6 -0.10 -29.95 7.22
CA GLU A 6 -0.12 -29.95 7.19
C GLU A 6 -0.15 -28.57 6.52
C GLU A 6 -0.26 -28.63 6.41
N ARG A 7 -1.12 -27.74 6.90
CA ARG A 7 -1.35 -26.39 6.30
C ARG A 7 -0.05 -25.62 6.08
N GLU A 8 0.77 -25.64 7.13
CA GLU A 8 1.99 -24.86 7.10
C GLU A 8 3.03 -25.39 6.12
N HIS A 9 2.97 -26.66 5.70
CA HIS A 9 3.84 -27.14 4.58
C HIS A 9 3.29 -26.71 3.22
N LEU A 10 2.05 -26.22 3.21
CA LEU A 10 1.44 -25.73 1.96
C LEU A 10 1.55 -24.19 1.71
N LEU A 11 1.63 -23.41 2.78
CA LEU A 11 1.56 -21.96 2.74
C LEU A 11 2.59 -21.29 1.84
N LYS A 12 3.89 -21.60 2.04
N LYS A 12 3.88 -21.62 2.03
CA LYS A 12 4.94 -20.93 1.25
CA LYS A 12 4.93 -20.98 1.26
C LYS A 12 4.97 -21.40 -0.19
C LYS A 12 4.93 -21.40 -0.19
N PRO A 13 4.88 -22.72 -0.43
CA PRO A 13 4.84 -23.25 -1.76
C PRO A 13 3.71 -22.60 -2.56
N LEU A 14 2.50 -22.57 -1.98
CA LEU A 14 1.37 -21.88 -2.60
C LEU A 14 1.69 -20.41 -2.91
N GLN A 15 2.27 -19.70 -1.95
CA GLN A 15 2.54 -18.28 -2.20
C GLN A 15 3.57 -18.13 -3.33
N GLN A 16 4.55 -19.03 -3.35
CA GLN A 16 5.59 -18.95 -4.33
C GLN A 16 5.11 -19.21 -5.79
N VAL A 17 4.17 -20.12 -5.96
CA VAL A 17 3.66 -20.48 -7.29
C VAL A 17 2.52 -19.59 -7.82
N SER A 18 1.93 -18.77 -6.97
CA SER A 18 0.91 -17.92 -7.53
C SER A 18 1.43 -16.56 -8.05
N GLY A 19 2.69 -16.27 -7.68
CA GLY A 19 3.48 -15.13 -8.19
C GLY A 19 3.49 -14.77 -9.67
N PRO A 20 3.65 -15.79 -10.57
CA PRO A 20 3.30 -15.62 -12.00
C PRO A 20 1.82 -15.17 -12.20
N LEU A 21 1.15 -15.64 -13.30
CA LEU A 21 -0.34 -15.56 -13.48
C LEU A 21 -0.91 -14.17 -13.83
N GLY A 22 -1.62 -14.07 -14.95
CA GLY A 22 -2.22 -12.77 -15.38
C GLY A 22 -3.37 -12.13 -14.57
N GLY A 23 -4.22 -11.39 -15.28
CA GLY A 23 -5.46 -10.79 -14.73
C GLY A 23 -6.62 -11.33 -15.57
N ARG A 24 -7.53 -12.08 -14.94
CA ARG A 24 -8.21 -13.23 -15.55
C ARG A 24 -7.37 -13.87 -16.68
N PRO A 25 -6.03 -13.91 -16.48
CA PRO A 25 -4.90 -13.96 -17.42
C PRO A 25 -5.34 -13.91 -18.90
N THR A 26 -6.51 -13.29 -19.07
CA THR A 26 -7.41 -13.50 -20.22
C THR A 26 -7.54 -14.99 -20.60
N LEU A 27 -6.53 -15.81 -20.32
CA LEU A 27 -6.67 -17.26 -20.44
C LEU A 27 -6.98 -17.92 -19.06
N PRO A 28 -8.24 -18.26 -18.82
CA PRO A 28 -8.66 -18.56 -17.46
C PRO A 28 -7.88 -19.62 -16.70
N ILE A 29 -7.39 -20.66 -17.41
CA ILE A 29 -6.54 -21.76 -16.83
C ILE A 29 -5.24 -21.26 -16.23
N LEU A 30 -4.88 -20.04 -16.57
CA LEU A 30 -3.72 -19.40 -16.04
C LEU A 30 -3.98 -18.93 -14.66
N GLY A 31 -5.24 -18.79 -14.27
CA GLY A 31 -5.60 -18.49 -12.85
C GLY A 31 -5.63 -19.76 -11.95
N ASN A 32 -5.31 -20.92 -12.53
CA ASN A 32 -5.27 -22.25 -11.86
C ASN A 32 -3.86 -22.72 -11.53
N LEU A 33 -3.75 -23.53 -10.48
CA LEU A 33 -2.52 -24.17 -10.11
C LEU A 33 -2.63 -25.62 -10.50
N LEU A 34 -1.56 -26.15 -11.09
CA LEU A 34 -1.54 -27.56 -11.54
C LEU A 34 -1.01 -28.27 -10.34
N LEU A 35 -1.74 -29.27 -9.86
CA LEU A 35 -1.36 -30.10 -8.66
C LEU A 35 -1.04 -31.50 -9.18
N GLN A 36 0.11 -32.02 -8.80
CA GLN A 36 0.50 -33.35 -9.27
C GLN A 36 1.05 -34.09 -8.10
N VAL A 37 0.50 -35.29 -7.91
CA VAL A 37 1.02 -36.27 -6.99
C VAL A 37 1.70 -37.45 -7.76
N ALA A 38 3.00 -37.70 -7.53
CA ALA A 38 3.72 -38.85 -8.14
C ALA A 38 4.90 -39.11 -7.22
N ASP A 39 5.35 -40.36 -7.09
N ASP A 39 5.22 -40.40 -7.05
CA ASP A 39 6.29 -40.71 -5.99
CA ASP A 39 6.12 -40.93 -5.97
C ASP A 39 5.66 -40.29 -4.66
C ASP A 39 5.67 -40.57 -4.52
N GLY A 40 6.50 -39.88 -3.74
CA GLY A 40 6.00 -39.32 -2.50
C GLY A 40 5.97 -37.81 -2.59
N THR A 41 5.63 -37.22 -3.73
CA THR A 41 5.72 -35.76 -3.88
C THR A 41 4.49 -35.12 -4.49
N LEU A 42 4.15 -33.97 -3.94
CA LEU A 42 3.10 -33.13 -4.45
C LEU A 42 3.91 -32.05 -5.10
N SER A 43 3.57 -31.79 -6.35
CA SER A 43 4.08 -30.67 -7.06
C SER A 43 2.94 -29.67 -7.35
N LEU A 44 3.25 -28.38 -7.13
CA LEU A 44 2.41 -27.26 -7.43
C LEU A 44 3.04 -26.39 -8.42
N THR A 45 2.29 -26.08 -9.49
CA THR A 45 2.82 -25.26 -10.61
C THR A 45 1.87 -24.14 -10.96
N GLY A 46 2.46 -22.96 -11.14
CA GLY A 46 1.73 -21.86 -11.76
C GLY A 46 2.48 -21.41 -12.99
N THR A 47 1.77 -20.84 -13.96
CA THR A 47 2.41 -20.35 -15.16
C THR A 47 1.64 -19.07 -15.69
N ASP A 48 2.33 -18.18 -16.40
CA ASP A 48 1.60 -17.16 -17.19
C ASP A 48 1.88 -17.34 -18.70
N LEU A 49 2.33 -18.55 -19.08
CA LEU A 49 2.77 -18.91 -20.44
C LEU A 49 4.22 -18.55 -20.73
N GLU A 50 4.69 -17.42 -20.17
CA GLU A 50 6.07 -16.97 -20.42
C GLU A 50 7.12 -17.57 -19.45
N MET A 51 6.65 -17.87 -18.25
CA MET A 51 7.44 -18.40 -17.16
C MET A 51 6.62 -19.41 -16.38
N GLU A 52 7.26 -20.20 -15.54
CA GLU A 52 6.51 -21.16 -14.75
C GLU A 52 7.22 -21.36 -13.36
N MET A 53 6.45 -21.47 -12.30
CA MET A 53 7.06 -21.66 -10.94
C MET A 53 6.63 -23.04 -10.48
N VAL A 54 7.54 -23.86 -9.94
CA VAL A 54 7.15 -25.18 -9.47
C VAL A 54 7.72 -25.36 -8.11
N ALA A 55 6.87 -25.86 -7.19
CA ALA A 55 7.32 -26.25 -5.86
C ALA A 55 6.99 -27.72 -5.63
N ARG A 56 7.84 -28.33 -4.83
N ARG A 56 7.85 -28.36 -4.84
CA ARG A 56 7.69 -29.70 -4.50
CA ARG A 56 7.70 -29.77 -4.55
C ARG A 56 7.43 -29.67 -3.00
C ARG A 56 7.55 -29.86 -3.04
N VAL A 57 6.46 -30.46 -2.56
CA VAL A 57 6.35 -30.83 -1.17
C VAL A 57 6.28 -32.39 -0.98
N ALA A 58 7.04 -32.85 -0.02
CA ALA A 58 7.19 -34.26 0.30
C ALA A 58 5.93 -34.72 1.02
N LEU A 59 5.38 -35.84 0.60
CA LEU A 59 4.18 -36.36 1.24
C LEU A 59 4.55 -37.51 2.20
N VAL A 60 4.41 -37.28 3.49
CA VAL A 60 4.67 -38.31 4.51
C VAL A 60 3.38 -39.08 4.84
N GLN A 61 2.25 -38.46 4.62
CA GLN A 61 1.00 -39.17 4.84
C GLN A 61 0.60 -39.96 3.57
N PRO A 62 -0.25 -41.01 3.75
CA PRO A 62 -0.78 -41.77 2.62
C PRO A 62 -1.28 -40.86 1.49
N HIS A 63 -1.05 -41.28 0.25
CA HIS A 63 -1.38 -40.44 -0.92
C HIS A 63 -1.62 -41.33 -2.13
N GLU A 64 -2.26 -40.80 -3.13
CA GLU A 64 -2.52 -41.53 -4.33
C GLU A 64 -2.21 -40.60 -5.46
N PRO A 65 -1.60 -41.13 -6.53
CA PRO A 65 -1.10 -40.27 -7.61
C PRO A 65 -2.20 -39.81 -8.55
N GLY A 66 -1.87 -38.76 -9.31
CA GLY A 66 -2.80 -38.19 -10.28
C GLY A 66 -2.54 -36.71 -10.28
N ALA A 67 -3.30 -36.02 -11.11
CA ALA A 67 -3.16 -34.60 -11.31
C ALA A 67 -4.48 -33.93 -11.58
N THR A 68 -4.57 -32.65 -11.20
CA THR A 68 -5.69 -31.80 -11.59
C THR A 68 -5.29 -30.34 -11.57
N THR A 69 -6.22 -29.45 -11.85
CA THR A 69 -5.92 -28.06 -11.87
C THR A 69 -7.02 -27.36 -11.04
N VAL A 70 -6.64 -26.43 -10.14
CA VAL A 70 -7.66 -25.74 -9.35
C VAL A 70 -7.45 -24.25 -9.32
N PRO A 71 -8.50 -23.44 -9.03
CA PRO A 71 -8.26 -22.00 -9.02
C PRO A 71 -7.30 -21.65 -7.93
N ALA A 72 -6.23 -20.98 -8.32
CA ALA A 72 -5.08 -20.72 -7.47
C ALA A 72 -5.50 -19.91 -6.26
N ARG A 73 -6.04 -18.71 -6.49
CA ARG A 73 -6.33 -17.79 -5.33
C ARG A 73 -7.26 -18.42 -4.30
N LYS A 74 -8.31 -19.09 -4.75
CA LYS A 74 -9.30 -19.70 -3.81
C LYS A 74 -8.70 -20.79 -2.98
N PHE A 75 -7.88 -21.63 -3.61
CA PHE A 75 -7.24 -22.75 -2.87
C PHE A 75 -6.25 -22.22 -1.86
N PHE A 76 -5.46 -21.22 -2.25
CA PHE A 76 -4.60 -20.53 -1.28
C PHE A 76 -5.40 -19.93 -0.09
N ASP A 77 -6.49 -19.22 -0.41
CA ASP A 77 -7.28 -18.52 0.66
C ASP A 77 -7.91 -19.48 1.66
N ILE A 78 -8.32 -20.64 1.14
CA ILE A 78 -8.89 -21.69 1.98
C ILE A 78 -7.82 -22.19 2.91
N CYS A 79 -6.65 -22.51 2.36
CA CYS A 79 -5.59 -23.12 3.15
C CYS A 79 -5.15 -22.16 4.20
N ARG A 80 -4.93 -20.91 3.78
CA ARG A 80 -4.48 -19.80 4.66
C ARG A 80 -5.52 -19.47 5.70
N GLY A 81 -6.80 -19.57 5.34
CA GLY A 81 -7.87 -19.28 6.33
C GLY A 81 -8.19 -20.32 7.41
N LEU A 82 -7.66 -21.51 7.25
CA LEU A 82 -7.83 -22.58 8.17
C LEU A 82 -6.94 -22.26 9.40
N PRO A 83 -7.22 -22.89 10.58
CA PRO A 83 -6.42 -22.57 11.78
C PRO A 83 -5.00 -23.14 11.74
N GLU A 84 -4.09 -22.56 12.53
CA GLU A 84 -2.74 -23.06 12.63
C GLU A 84 -2.81 -24.51 13.00
N GLY A 85 -1.88 -25.25 12.42
CA GLY A 85 -1.73 -26.68 12.59
C GLY A 85 -2.77 -27.57 11.88
N ALA A 86 -3.71 -26.99 11.13
CA ALA A 86 -4.72 -27.78 10.39
C ALA A 86 -4.12 -28.82 9.39
N GLU A 87 -4.70 -30.03 9.37
CA GLU A 87 -4.33 -31.07 8.45
C GLU A 87 -5.29 -30.91 7.34
N ILE A 88 -4.76 -30.82 6.11
CA ILE A 88 -5.62 -30.59 4.93
C ILE A 88 -5.64 -31.81 4.06
N ALA A 89 -6.84 -32.37 3.89
CA ALA A 89 -7.04 -33.58 3.11
C ALA A 89 -7.61 -33.18 1.81
N VAL A 90 -6.98 -33.62 0.73
CA VAL A 90 -7.45 -33.22 -0.58
C VAL A 90 -7.74 -34.47 -1.42
N GLN A 91 -8.88 -34.49 -2.13
CA GLN A 91 -9.20 -35.63 -2.98
C GLN A 91 -9.88 -35.16 -4.24
N LEU A 92 -9.53 -35.78 -5.33
CA LEU A 92 -10.07 -35.39 -6.58
C LEU A 92 -11.32 -36.26 -6.71
N GLU A 93 -12.46 -35.63 -6.96
CA GLU A 93 -13.75 -36.32 -7.10
C GLU A 93 -14.53 -35.86 -8.33
N GLY A 94 -14.46 -36.65 -9.39
CA GLY A 94 -15.12 -36.26 -10.66
C GLY A 94 -14.51 -34.95 -11.10
N GLU A 95 -15.34 -33.94 -11.38
CA GLU A 95 -14.84 -32.67 -11.92
C GLU A 95 -14.66 -31.63 -10.82
N ARG A 96 -14.50 -32.12 -9.59
CA ARG A 96 -14.35 -31.25 -8.46
C ARG A 96 -13.20 -31.70 -7.58
N MET A 97 -12.53 -30.77 -6.95
CA MET A 97 -11.53 -31.15 -5.94
C MET A 97 -12.06 -30.86 -4.55
N LEU A 98 -12.09 -31.87 -3.70
CA LEU A 98 -12.61 -31.77 -2.35
C LEU A 98 -11.47 -31.50 -1.35
N VAL A 99 -11.60 -30.46 -0.52
CA VAL A 99 -10.64 -30.12 0.52
C VAL A 99 -11.39 -30.19 1.82
N ARG A 100 -10.83 -30.86 2.83
CA ARG A 100 -11.52 -31.05 4.10
C ARG A 100 -10.48 -30.82 5.14
N SER A 101 -10.85 -30.09 6.16
CA SER A 101 -10.00 -30.03 7.37
C SER A 101 -10.97 -29.78 8.49
N GLY A 102 -10.83 -30.52 9.58
CA GLY A 102 -11.66 -30.25 10.77
C GLY A 102 -13.06 -30.52 10.32
N ARG A 103 -13.99 -29.60 10.61
CA ARG A 103 -15.35 -29.67 10.11
C ARG A 103 -15.60 -28.58 9.06
N SER A 104 -14.56 -28.29 8.27
CA SER A 104 -14.69 -27.42 7.12
C SER A 104 -14.48 -28.26 5.86
N ARG A 105 -15.34 -28.06 4.85
CA ARG A 105 -15.31 -28.78 3.62
C ARG A 105 -15.46 -27.82 2.50
N PHE A 106 -14.71 -28.03 1.44
CA PHE A 106 -14.78 -27.12 0.26
C PHE A 106 -14.68 -27.96 -1.01
N SER A 107 -15.52 -27.68 -2.01
CA SER A 107 -15.34 -28.27 -3.36
C SER A 107 -15.03 -27.15 -4.32
N LEU A 108 -13.91 -27.26 -5.01
CA LEU A 108 -13.46 -26.32 -6.04
C LEU A 108 -13.65 -26.91 -7.39
N SER A 109 -13.97 -26.10 -8.38
CA SER A 109 -13.98 -26.65 -9.71
C SER A 109 -12.59 -26.82 -10.28
N THR A 110 -12.48 -27.75 -11.21
CA THR A 110 -11.19 -28.08 -11.74
C THR A 110 -11.22 -27.91 -13.25
N LEU A 111 -10.02 -27.79 -13.82
CA LEU A 111 -9.81 -27.82 -15.25
C LEU A 111 -8.77 -28.96 -15.43
N PRO A 112 -8.83 -29.66 -16.56
CA PRO A 112 -8.04 -30.87 -16.61
C PRO A 112 -6.54 -30.58 -16.66
N ALA A 113 -5.78 -31.36 -15.94
CA ALA A 113 -4.34 -31.27 -15.95
C ALA A 113 -3.69 -31.47 -17.35
N ALA A 114 -4.27 -32.31 -18.22
CA ALA A 114 -3.91 -32.41 -19.66
C ALA A 114 -3.92 -31.04 -20.38
N ASP A 115 -4.78 -30.13 -19.92
CA ASP A 115 -4.96 -28.83 -20.57
C ASP A 115 -4.02 -27.78 -20.03
N PHE A 116 -3.36 -28.09 -18.92
CA PHE A 116 -2.47 -27.09 -18.34
C PHE A 116 -1.21 -26.78 -19.17
N PRO A 117 -0.94 -25.50 -19.41
CA PRO A 117 0.12 -25.09 -20.31
C PRO A 117 1.51 -25.60 -19.86
N ASN A 118 2.28 -26.13 -20.81
CA ASN A 118 3.50 -26.93 -20.54
C ASN A 118 4.57 -26.23 -21.34
N LEU A 119 5.50 -25.50 -20.71
CA LEU A 119 6.67 -25.02 -21.43
C LEU A 119 7.43 -26.24 -22.03
N ASP A 120 7.89 -26.10 -23.26
CA ASP A 120 8.62 -27.20 -23.91
C ASP A 120 9.95 -27.54 -23.21
N ASP A 121 10.29 -28.83 -23.13
CA ASP A 121 11.67 -29.25 -22.71
C ASP A 121 12.69 -28.50 -23.59
N TRP A 122 13.82 -28.12 -23.02
CA TRP A 122 14.84 -27.37 -23.78
C TRP A 122 16.14 -27.86 -23.18
N GLN A 123 17.27 -27.45 -23.75
N GLN A 123 17.27 -27.47 -23.76
CA GLN A 123 18.58 -27.89 -23.30
CA GLN A 123 18.56 -27.93 -23.27
C GLN A 123 19.37 -26.76 -22.65
C GLN A 123 19.41 -26.80 -22.67
N SER A 124 19.91 -27.02 -21.46
CA SER A 124 20.79 -26.05 -20.83
C SER A 124 22.13 -26.02 -21.58
N GLU A 125 22.71 -24.83 -21.68
CA GLU A 125 23.99 -24.58 -22.37
C GLU A 125 25.07 -24.06 -21.41
N VAL A 126 24.66 -23.45 -20.29
CA VAL A 126 25.53 -22.85 -19.30
C VAL A 126 24.85 -23.04 -17.95
N GLU A 127 25.61 -23.41 -16.92
CA GLU A 127 25.06 -23.74 -15.63
C GLU A 127 26.02 -23.22 -14.61
N PHE A 128 25.50 -22.72 -13.51
CA PHE A 128 26.37 -22.23 -12.44
C PHE A 128 25.54 -22.11 -11.17
N THR A 129 26.22 -22.11 -10.02
CA THR A 129 25.58 -21.81 -8.75
C THR A 129 26.20 -20.51 -8.18
N LEU A 130 25.44 -19.87 -7.31
CA LEU A 130 25.94 -18.67 -6.67
C LEU A 130 25.05 -18.40 -5.48
N PRO A 131 25.57 -17.65 -4.49
CA PRO A 131 24.70 -17.31 -3.39
C PRO A 131 23.49 -16.53 -3.87
N GLN A 132 22.37 -16.74 -3.19
N GLN A 132 22.39 -16.79 -3.18
CA GLN A 132 21.17 -15.95 -3.38
CA GLN A 132 21.15 -16.03 -3.16
C GLN A 132 21.44 -14.46 -3.18
C GLN A 132 21.39 -14.52 -3.10
N ALA A 133 22.30 -14.14 -2.20
CA ALA A 133 22.61 -12.76 -1.92
C ALA A 133 23.22 -12.07 -3.13
N THR A 134 24.08 -12.78 -3.87
CA THR A 134 24.76 -12.22 -5.00
C THR A 134 23.76 -11.95 -6.14
N MET A 135 22.83 -12.89 -6.38
N MET A 135 22.81 -12.88 -6.33
CA MET A 135 21.75 -12.61 -7.39
CA MET A 135 21.71 -12.70 -7.32
C MET A 135 20.93 -11.37 -6.97
C MET A 135 20.86 -11.47 -6.98
N LYS A 136 20.64 -11.26 -5.68
CA LYS A 136 19.85 -10.08 -5.21
C LYS A 136 20.60 -8.78 -5.51
N ARG A 137 21.87 -8.71 -5.10
N ARG A 137 21.86 -8.72 -5.12
CA ARG A 137 22.83 -7.65 -5.46
CA ARG A 137 22.74 -7.58 -5.41
C ARG A 137 22.71 -7.25 -6.93
C ARG A 137 22.74 -7.23 -6.93
N LEU A 138 22.93 -8.23 -7.79
CA LEU A 138 22.95 -8.05 -9.22
C LEU A 138 21.64 -7.52 -9.80
N ILE A 139 20.54 -8.07 -9.33
CA ILE A 139 19.24 -7.52 -9.66
C ILE A 139 18.95 -6.09 -9.14
N GLU A 140 19.16 -5.84 -7.85
N GLU A 140 19.12 -5.83 -7.87
CA GLU A 140 18.87 -4.54 -7.16
CA GLU A 140 18.68 -4.53 -7.31
C GLU A 140 19.61 -3.39 -7.81
C GLU A 140 19.63 -3.34 -7.73
N ALA A 141 20.89 -3.68 -8.02
CA ALA A 141 21.85 -2.74 -8.57
C ALA A 141 21.45 -2.19 -9.95
N THR A 142 20.56 -2.87 -10.69
CA THR A 142 20.29 -2.54 -12.13
C THR A 142 18.82 -2.49 -12.57
N GLN A 143 17.93 -3.16 -11.83
CA GLN A 143 16.53 -3.25 -12.19
C GLN A 143 15.85 -1.95 -12.57
N PHE A 144 16.10 -0.91 -11.76
CA PHE A 144 15.42 0.34 -11.91
C PHE A 144 15.77 0.97 -13.30
N SER A 145 16.80 0.49 -13.97
CA SER A 145 17.20 1.10 -15.23
C SER A 145 16.60 0.40 -16.43
N MET A 146 15.73 -0.61 -16.25
CA MET A 146 15.11 -1.22 -17.47
C MET A 146 14.05 -0.29 -18.08
N ALA A 147 13.87 -0.38 -19.41
CA ALA A 147 12.73 0.28 -20.09
C ALA A 147 11.40 -0.29 -19.58
N HIS A 148 10.30 0.41 -19.83
CA HIS A 148 9.01 -0.10 -19.35
C HIS A 148 8.14 -0.68 -20.42
N GLN A 149 7.65 0.12 -21.31
CA GLN A 149 6.97 -0.56 -22.42
C GLN A 149 7.49 -0.01 -23.70
N ASP A 150 8.80 0.00 -23.83
CA ASP A 150 9.45 0.48 -24.99
C ASP A 150 9.25 -0.49 -26.18
N VAL A 151 9.10 0.11 -27.36
CA VAL A 151 9.02 -0.55 -28.68
C VAL A 151 10.14 -1.57 -28.83
N ARG A 152 11.31 -1.22 -28.29
CA ARG A 152 12.48 -2.09 -28.29
C ARG A 152 12.29 -3.04 -27.15
N TYR A 153 11.63 -4.14 -27.47
CA TYR A 153 11.19 -5.11 -26.47
C TYR A 153 12.38 -5.57 -25.61
N TYR A 154 13.57 -5.56 -26.20
CA TYR A 154 14.68 -6.15 -25.48
C TYR A 154 15.23 -5.20 -24.35
N LEU A 155 14.79 -3.94 -24.33
CA LEU A 155 15.21 -3.00 -23.32
C LEU A 155 14.27 -3.13 -22.10
N ASN A 156 13.11 -3.75 -22.30
CA ASN A 156 12.15 -3.95 -21.25
C ASN A 156 12.67 -5.02 -20.29
N GLY A 157 13.72 -5.69 -20.69
CA GLY A 157 14.33 -6.79 -19.96
C GLY A 157 15.67 -6.44 -19.34
N MET A 158 16.25 -7.43 -18.67
CA MET A 158 17.61 -7.34 -18.12
C MET A 158 18.60 -8.34 -18.78
N LEU A 159 19.75 -7.83 -19.20
CA LEU A 159 20.76 -8.69 -19.77
C LEU A 159 21.48 -9.35 -18.65
N PHE A 160 21.66 -10.67 -18.80
CA PHE A 160 22.50 -11.48 -17.92
C PHE A 160 23.68 -12.03 -18.73
N GLU A 161 24.87 -11.68 -18.30
CA GLU A 161 26.08 -11.94 -19.07
C GLU A 161 27.07 -12.70 -18.23
N THR A 162 27.47 -13.90 -18.73
CA THR A 162 28.55 -14.66 -18.07
C THR A 162 29.85 -14.36 -18.82
N GLU A 163 30.93 -14.05 -18.10
CA GLU A 163 32.18 -13.67 -18.78
C GLU A 163 33.34 -13.97 -17.84
N GLY A 164 34.27 -14.86 -18.21
CA GLY A 164 35.39 -15.22 -17.30
C GLY A 164 34.93 -15.96 -16.06
N GLU A 165 35.06 -15.34 -14.87
CA GLU A 165 34.49 -15.95 -13.65
C GLU A 165 33.47 -15.05 -12.92
N GLU A 166 32.80 -14.24 -13.72
CA GLU A 166 31.83 -13.26 -13.25
C GLU A 166 30.49 -13.44 -13.92
N LEU A 167 29.44 -13.07 -13.18
CA LEU A 167 28.10 -12.89 -13.75
C LEU A 167 27.79 -11.37 -13.72
N ARG A 168 27.27 -10.84 -14.82
CA ARG A 168 26.96 -9.41 -14.88
C ARG A 168 25.55 -9.18 -15.34
N THR A 169 24.93 -8.13 -14.80
CA THR A 169 23.64 -7.67 -15.28
C THR A 169 23.84 -6.29 -15.84
N VAL A 170 22.97 -5.97 -16.79
CA VAL A 170 22.95 -4.69 -17.48
C VAL A 170 21.48 -4.35 -17.80
N ALA A 171 21.08 -3.13 -17.48
CA ALA A 171 19.74 -2.67 -17.76
C ALA A 171 19.87 -1.29 -18.39
N THR A 172 19.15 -0.99 -19.49
CA THR A 172 19.09 0.34 -20.00
C THR A 172 17.77 0.71 -20.67
N ASP A 173 17.61 2.04 -20.80
CA ASP A 173 16.47 2.89 -21.12
C ASP A 173 16.58 3.46 -22.51
N GLY A 174 17.81 3.53 -22.97
CA GLY A 174 18.11 4.49 -24.04
C GLY A 174 18.53 5.82 -23.50
N HIS A 175 18.35 6.07 -22.19
CA HIS A 175 18.66 7.39 -21.59
C HIS A 175 19.61 7.24 -20.38
N ARG A 176 19.47 6.14 -19.67
CA ARG A 176 20.30 5.89 -18.50
C ARG A 176 20.65 4.39 -18.49
N LEU A 177 21.74 4.01 -17.85
CA LEU A 177 22.18 2.63 -17.93
C LEU A 177 22.70 2.23 -16.54
N ALA A 178 22.58 0.95 -16.20
CA ALA A 178 23.22 0.35 -14.97
C ALA A 178 23.89 -0.98 -15.38
N VAL A 179 25.04 -1.32 -14.77
CA VAL A 179 25.66 -2.58 -15.04
C VAL A 179 26.24 -2.90 -13.69
N CYS A 180 26.34 -4.19 -13.36
CA CYS A 180 26.94 -4.69 -12.11
C CYS A 180 27.52 -6.09 -12.44
N SER A 181 28.74 -6.39 -11.94
CA SER A 181 29.25 -7.68 -12.14
C SER A 181 29.70 -8.19 -10.78
N MET A 182 29.66 -9.48 -10.58
CA MET A 182 30.05 -10.06 -9.30
C MET A 182 30.80 -11.34 -9.56
N PRO A 183 31.89 -11.58 -8.83
CA PRO A 183 32.66 -12.77 -9.11
C PRO A 183 31.97 -14.00 -8.53
N ILE A 184 31.99 -15.12 -9.24
CA ILE A 184 31.25 -16.26 -8.69
C ILE A 184 32.07 -17.50 -8.42
N GLY A 185 33.35 -17.43 -8.77
CA GLY A 185 34.27 -18.52 -8.38
C GLY A 185 34.20 -19.75 -9.26
N GLN A 186 33.68 -19.57 -10.48
CA GLN A 186 33.46 -20.63 -11.46
C GLN A 186 33.89 -20.04 -12.82
N SER A 187 34.53 -20.86 -13.63
CA SER A 187 34.97 -20.44 -14.94
C SER A 187 33.84 -20.78 -15.91
N LEU A 188 33.39 -19.77 -16.64
CA LEU A 188 32.13 -19.89 -17.38
C LEU A 188 32.37 -19.57 -18.88
N PRO A 189 31.65 -20.28 -19.82
CA PRO A 189 31.68 -19.75 -21.21
C PRO A 189 31.16 -18.32 -21.30
N SER A 190 31.40 -17.66 -22.43
CA SER A 190 30.88 -16.33 -22.61
C SER A 190 29.48 -16.50 -23.16
N HIS A 191 28.52 -15.78 -22.61
CA HIS A 191 27.13 -16.01 -22.97
C HIS A 191 26.28 -14.85 -22.45
N SER A 192 25.39 -14.42 -23.31
CA SER A 192 24.55 -13.28 -23.05
C SER A 192 23.12 -13.65 -23.31
N VAL A 193 22.28 -13.39 -22.34
CA VAL A 193 20.86 -13.49 -22.57
C VAL A 193 20.10 -12.34 -21.96
N ILE A 194 18.90 -12.13 -22.51
CA ILE A 194 17.94 -11.19 -21.97
C ILE A 194 16.76 -11.84 -21.25
N VAL A 195 16.60 -11.52 -19.97
CA VAL A 195 15.52 -12.04 -19.15
C VAL A 195 14.37 -11.02 -19.12
N PRO A 196 13.15 -11.48 -19.38
CA PRO A 196 12.09 -10.46 -19.45
C PRO A 196 11.78 -9.83 -18.08
N ARG A 197 11.21 -8.62 -18.16
N ARG A 197 11.05 -8.71 -18.08
CA ARG A 197 10.63 -7.86 -17.04
CA ARG A 197 10.34 -7.47 -16.71
C ARG A 197 10.02 -8.72 -15.92
C ARG A 197 9.85 -8.56 -15.76
N LYS A 198 8.90 -9.40 -16.21
CA LYS A 198 8.25 -10.32 -15.27
C LYS A 198 9.18 -11.41 -14.71
N GLY A 199 10.14 -11.88 -15.52
CA GLY A 199 11.03 -12.93 -15.07
C GLY A 199 12.06 -12.43 -14.06
N VAL A 200 12.61 -11.26 -14.26
CA VAL A 200 13.53 -10.67 -13.19
C VAL A 200 12.84 -10.47 -11.78
N ILE A 201 11.62 -9.92 -11.84
CA ILE A 201 10.65 -9.86 -10.71
C ILE A 201 10.54 -11.22 -10.01
N GLU A 202 10.25 -12.25 -10.78
CA GLU A 202 10.05 -13.57 -10.18
C GLU A 202 11.33 -14.11 -9.59
N LEU A 203 12.44 -13.93 -10.32
CA LEU A 203 13.76 -14.32 -9.80
C LEU A 203 14.04 -13.74 -8.42
N MET A 204 13.88 -12.41 -8.33
CA MET A 204 14.04 -11.67 -7.11
C MET A 204 13.11 -12.24 -5.95
N ARG A 205 11.86 -12.47 -6.31
N ARG A 205 11.87 -12.50 -6.28
CA ARG A 205 10.80 -12.95 -5.43
CA ARG A 205 10.88 -12.90 -5.31
C ARG A 205 11.19 -14.27 -4.80
C ARG A 205 11.09 -14.34 -4.83
N MET A 206 11.93 -15.10 -5.53
CA MET A 206 12.33 -16.46 -5.04
C MET A 206 13.37 -16.43 -3.95
N LEU A 207 14.04 -15.31 -3.81
CA LEU A 207 15.18 -15.21 -2.92
C LEU A 207 14.68 -15.03 -1.45
N ASP A 208 15.25 -15.74 -0.46
CA ASP A 208 14.62 -15.81 0.90
C ASP A 208 15.43 -15.47 2.15
N GLY A 209 16.76 -15.37 2.06
CA GLY A 209 17.60 -15.06 3.26
C GLY A 209 18.40 -16.25 3.83
N GLY A 210 18.07 -17.47 3.38
CA GLY A 210 18.71 -18.70 3.87
C GLY A 210 19.96 -19.15 3.12
N ASP A 211 20.47 -20.30 3.54
CA ASP A 211 21.71 -20.90 3.05
C ASP A 211 21.58 -21.75 1.78
N ASN A 212 20.39 -21.82 1.21
CA ASN A 212 20.16 -22.47 -0.06
C ASN A 212 20.85 -21.68 -1.17
N PRO A 213 21.79 -22.30 -1.91
CA PRO A 213 22.38 -21.59 -3.01
C PRO A 213 21.43 -21.61 -4.20
N LEU A 214 21.66 -20.67 -5.11
CA LEU A 214 20.86 -20.61 -6.30
C LEU A 214 21.61 -21.37 -7.37
N ARG A 215 20.92 -22.29 -8.03
CA ARG A 215 21.52 -23.08 -9.09
C ARG A 215 20.88 -22.60 -10.37
N VAL A 216 21.69 -22.12 -11.32
CA VAL A 216 21.15 -21.53 -12.58
C VAL A 216 21.48 -22.35 -13.79
N GLN A 217 20.55 -22.41 -14.75
CA GLN A 217 20.87 -23.06 -16.00
C GLN A 217 20.28 -22.19 -17.10
N ILE A 218 21.10 -21.96 -18.13
CA ILE A 218 20.63 -21.10 -19.24
C ILE A 218 20.70 -21.89 -20.48
N GLY A 219 19.65 -21.80 -21.29
CA GLY A 219 19.64 -22.36 -22.59
C GLY A 219 19.57 -21.27 -23.67
N SER A 220 19.27 -21.69 -24.87
CA SER A 220 19.21 -20.70 -25.97
C SER A 220 18.03 -19.74 -25.80
N ASN A 221 16.92 -20.28 -25.27
CA ASN A 221 15.68 -19.51 -25.18
C ASN A 221 15.04 -19.60 -23.80
N ASN A 222 15.77 -20.10 -22.78
CA ASN A 222 15.19 -20.22 -21.45
C ASN A 222 16.21 -20.00 -20.39
N ILE A 223 15.72 -19.63 -19.21
CA ILE A 223 16.56 -19.64 -18.03
C ILE A 223 15.79 -20.40 -16.97
N ARG A 224 16.52 -21.08 -16.09
CA ARG A 224 15.93 -21.80 -14.96
C ARG A 224 16.73 -21.49 -13.72
N ALA A 225 16.04 -21.28 -12.57
CA ALA A 225 16.72 -21.11 -11.31
C ALA A 225 16.10 -22.08 -10.34
N HIS A 226 16.93 -22.74 -9.55
CA HIS A 226 16.46 -23.69 -8.50
C HIS A 226 17.02 -23.23 -7.14
N VAL A 227 16.14 -22.94 -6.19
CA VAL A 227 16.56 -22.73 -4.81
C VAL A 227 15.69 -23.69 -3.98
N GLY A 228 16.29 -24.53 -3.15
CA GLY A 228 15.57 -25.46 -2.30
C GLY A 228 14.64 -26.31 -3.14
N ASP A 229 13.36 -26.30 -2.82
CA ASP A 229 12.42 -27.13 -3.54
C ASP A 229 11.55 -26.29 -4.48
N PHE A 230 12.06 -25.13 -4.91
CA PHE A 230 11.36 -24.34 -5.93
C PHE A 230 12.27 -24.21 -7.15
N ILE A 231 11.64 -24.14 -8.32
CA ILE A 231 12.33 -24.09 -9.60
C ILE A 231 11.51 -23.15 -10.45
N PHE A 232 12.18 -22.16 -11.01
CA PHE A 232 11.53 -21.12 -11.77
C PHE A 232 12.12 -21.22 -13.13
N THR A 233 11.26 -21.14 -14.13
CA THR A 233 11.70 -21.15 -15.50
C THR A 233 11.05 -20.03 -16.29
N SER A 234 11.87 -19.31 -17.08
CA SER A 234 11.34 -18.24 -17.90
C SER A 234 11.85 -18.42 -19.30
N LYS A 235 11.02 -18.03 -20.25
CA LYS A 235 11.50 -17.71 -21.57
C LYS A 235 12.43 -16.50 -21.55
N LEU A 236 13.34 -16.48 -22.50
CA LEU A 236 14.19 -15.35 -22.75
C LEU A 236 13.63 -14.45 -23.84
N VAL A 237 14.14 -13.22 -23.89
CA VAL A 237 13.73 -12.23 -24.91
C VAL A 237 14.63 -12.41 -26.07
N ASP A 238 14.04 -12.49 -27.26
CA ASP A 238 14.89 -12.75 -28.42
C ASP A 238 15.17 -11.48 -29.16
N GLY A 239 16.36 -10.91 -28.96
CA GLY A 239 16.80 -9.68 -29.65
C GLY A 239 18.24 -9.47 -29.26
N ARG A 240 18.86 -8.40 -29.77
CA ARG A 240 20.25 -8.13 -29.41
C ARG A 240 20.34 -6.93 -28.50
N PHE A 241 21.01 -7.12 -27.37
CA PHE A 241 21.05 -6.10 -26.36
C PHE A 241 22.24 -5.18 -26.71
N PRO A 242 22.09 -3.83 -26.57
CA PRO A 242 23.29 -2.92 -26.74
C PRO A 242 24.48 -3.25 -25.86
N ASP A 243 25.64 -2.84 -26.32
CA ASP A 243 26.85 -3.15 -25.57
C ASP A 243 27.07 -2.07 -24.52
N TYR A 244 27.18 -2.45 -23.22
CA TYR A 244 27.34 -1.43 -22.19
C TYR A 244 28.70 -0.76 -22.39
N ARG A 245 29.60 -1.51 -23.02
CA ARG A 245 31.00 -1.08 -23.12
C ARG A 245 31.01 0.09 -24.04
N ARG A 246 30.09 0.10 -25.00
CA ARG A 246 30.01 1.24 -25.90
C ARG A 246 29.33 2.44 -25.24
N VAL A 247 28.77 2.25 -24.06
CA VAL A 247 27.95 3.37 -23.56
C VAL A 247 28.70 4.13 -22.51
N LEU A 248 29.48 3.41 -21.74
CA LEU A 248 30.35 3.95 -20.74
C LEU A 248 31.19 5.11 -21.28
N PRO A 249 31.16 6.30 -20.62
CA PRO A 249 32.00 7.43 -21.13
C PRO A 249 33.46 7.04 -21.45
N LYS A 250 33.96 7.57 -22.58
CA LYS A 250 35.31 7.31 -23.01
C LYS A 250 36.36 8.02 -22.14
N ASN A 251 36.32 9.35 -22.07
CA ASN A 251 37.34 10.12 -21.33
C ASN A 251 36.76 10.99 -20.22
N PRO A 252 36.44 10.38 -19.05
CA PRO A 252 35.71 11.09 -18.00
C PRO A 252 36.67 11.62 -16.92
N ASP A 253 37.68 12.35 -17.39
CA ASP A 253 38.77 12.82 -16.53
C ASP A 253 38.45 13.94 -15.51
N LYS A 254 37.18 14.34 -15.34
CA LYS A 254 36.77 15.26 -14.24
C LYS A 254 35.94 14.54 -13.16
N HIS A 255 36.50 14.40 -11.98
CA HIS A 255 35.92 13.50 -11.00
C HIS A 255 35.52 14.25 -9.75
N LEU A 256 34.24 14.15 -9.38
CA LEU A 256 33.64 14.75 -8.20
C LEU A 256 33.29 13.65 -7.19
N GLU A 257 33.71 13.83 -5.96
CA GLU A 257 33.30 12.94 -4.94
C GLU A 257 32.53 13.68 -3.88
N ALA A 258 31.54 13.02 -3.31
CA ALA A 258 30.60 13.64 -2.37
C ALA A 258 29.93 12.56 -1.50
N GLY A 259 29.48 12.94 -0.31
CA GLY A 259 28.66 12.06 0.52
C GLY A 259 27.36 11.71 -0.20
N CYS A 260 27.08 10.40 -0.29
CA CYS A 260 25.87 9.90 -0.91
C CYS A 260 24.60 10.51 -0.35
N ASP A 261 24.45 10.44 0.97
CA ASP A 261 23.21 10.90 1.61
C ASP A 261 22.99 12.41 1.46
N LEU A 262 24.02 13.22 1.64
CA LEU A 262 23.91 14.70 1.41
C LEU A 262 23.54 15.02 -0.05
N LEU A 263 24.21 14.35 -1.00
CA LEU A 263 23.90 14.56 -2.41
C LEU A 263 22.43 14.20 -2.69
N LYS A 264 21.99 13.06 -2.20
CA LYS A 264 20.68 12.55 -2.53
C LYS A 264 19.61 13.45 -1.88
N GLN A 265 19.81 13.88 -0.65
CA GLN A 265 18.84 14.78 -0.07
C GLN A 265 18.80 16.17 -0.73
N ALA A 266 19.94 16.66 -1.20
CA ALA A 266 20.02 17.96 -1.88
C ALA A 266 19.25 17.83 -3.22
N PHE A 267 19.54 16.73 -3.96
CA PHE A 267 18.75 16.47 -5.24
C PHE A 267 17.21 16.31 -5.06
N ALA A 268 16.82 15.59 -3.99
CA ALA A 268 15.43 15.28 -3.62
C ALA A 268 14.69 16.57 -3.28
N ARG A 269 15.31 17.46 -2.50
CA ARG A 269 14.67 18.74 -2.27
C ARG A 269 14.56 19.63 -3.49
N ALA A 270 15.56 19.65 -4.36
CA ALA A 270 15.51 20.42 -5.59
C ALA A 270 14.41 19.95 -6.49
N ALA A 271 14.28 18.64 -6.63
CA ALA A 271 13.32 18.02 -7.54
C ALA A 271 11.92 18.50 -7.40
N ILE A 272 11.57 18.85 -6.17
CA ILE A 272 10.26 19.37 -5.75
C ILE A 272 9.90 20.53 -6.62
N LEU A 273 10.89 21.34 -6.99
CA LEU A 273 10.65 22.52 -7.82
C LEU A 273 11.13 22.37 -9.26
N SER A 274 11.35 21.13 -9.71
CA SER A 274 11.67 20.93 -11.14
C SER A 274 10.37 20.67 -11.90
N ASN A 275 10.42 20.86 -13.20
CA ASN A 275 9.28 20.63 -14.06
C ASN A 275 8.79 19.18 -13.92
N GLU A 276 7.49 18.99 -13.66
CA GLU A 276 6.92 17.69 -13.24
C GLU A 276 6.97 16.67 -14.35
N LYS A 277 6.94 17.17 -15.59
CA LYS A 277 7.09 16.35 -16.79
C LYS A 277 8.56 16.07 -17.10
N PHE A 278 9.41 17.10 -17.16
CA PHE A 278 10.78 16.92 -17.68
C PHE A 278 11.87 16.73 -16.63
N ARG A 279 11.60 17.21 -15.40
CA ARG A 279 12.43 16.98 -14.20
C ARG A 279 13.84 17.47 -14.31
N GLY A 280 14.06 18.49 -15.11
CA GLY A 280 15.41 18.99 -15.29
C GLY A 280 15.93 19.72 -14.08
N VAL A 281 17.16 19.40 -13.67
CA VAL A 281 17.91 20.20 -12.71
C VAL A 281 19.21 20.58 -13.35
N ARG A 282 19.80 21.70 -12.89
N ARG A 282 19.79 21.68 -12.86
CA ARG A 282 21.06 22.19 -13.42
CA ARG A 282 21.07 22.12 -13.32
C ARG A 282 22.18 22.06 -12.35
C ARG A 282 22.12 21.78 -12.27
N LEU A 283 23.34 21.47 -12.70
CA LEU A 283 24.43 21.20 -11.71
C LEU A 283 25.53 22.19 -12.06
N TYR A 284 26.00 22.98 -11.08
CA TYR A 284 27.16 23.85 -11.33
C TYR A 284 28.29 23.31 -10.51
N VAL A 285 29.37 22.90 -11.14
CA VAL A 285 30.46 22.31 -10.42
C VAL A 285 31.57 23.33 -10.46
N SER A 286 32.22 23.55 -9.33
CA SER A 286 33.30 24.55 -9.20
C SER A 286 34.17 24.00 -8.10
N GLU A 287 35.26 24.70 -7.77
N GLU A 287 35.24 24.71 -7.75
CA GLU A 287 36.21 24.11 -6.84
CA GLU A 287 36.22 24.14 -6.86
C GLU A 287 35.53 23.70 -5.59
C GLU A 287 35.63 23.72 -5.54
N ASN A 288 35.62 22.39 -5.31
CA ASN A 288 35.16 21.82 -4.00
C ASN A 288 33.72 22.12 -3.59
N GLN A 289 32.86 22.34 -4.58
N GLN A 289 32.88 22.47 -4.56
CA GLN A 289 31.51 22.74 -4.34
CA GLN A 289 31.49 22.81 -4.32
C GLN A 289 30.60 22.37 -5.51
C GLN A 289 30.62 22.32 -5.48
N LEU A 290 29.36 22.02 -5.16
CA LEU A 290 28.29 21.71 -6.12
C LEU A 290 27.05 22.51 -5.77
N LYS A 291 26.47 23.08 -6.83
CA LYS A 291 25.25 23.81 -6.75
C LYS A 291 24.23 23.21 -7.70
N ILE A 292 23.04 22.97 -7.14
CA ILE A 292 21.92 22.36 -7.82
C ILE A 292 20.79 23.35 -7.75
N THR A 293 20.25 23.64 -8.89
CA THR A 293 19.19 24.57 -9.00
C THR A 293 18.09 23.85 -9.74
N ALA A 294 16.86 24.26 -9.48
CA ALA A 294 15.71 23.71 -10.23
C ALA A 294 14.67 24.78 -10.39
N ASN A 295 14.00 24.83 -11.56
CA ASN A 295 12.84 25.69 -11.69
C ASN A 295 11.69 25.12 -12.50
N ASN A 296 10.52 25.71 -12.42
CA ASN A 296 9.37 25.11 -13.04
C ASN A 296 8.54 26.13 -13.86
N PRO A 297 7.53 25.66 -14.60
CA PRO A 297 6.78 26.70 -15.33
C PRO A 297 6.23 27.85 -14.41
N GLU A 298 5.76 27.50 -13.20
CA GLU A 298 5.16 28.48 -12.26
C GLU A 298 6.23 29.46 -11.78
N GLN A 299 7.43 29.35 -12.34
CA GLN A 299 8.52 30.22 -11.98
C GLN A 299 9.08 29.99 -10.57
N GLU A 300 8.80 28.86 -9.95
CA GLU A 300 9.34 28.54 -8.65
C GLU A 300 10.79 28.10 -8.83
N GLU A 301 11.56 28.10 -7.73
CA GLU A 301 13.00 27.94 -7.78
C GLU A 301 13.63 27.34 -6.51
N ALA A 302 14.46 26.30 -6.65
CA ALA A 302 15.22 25.74 -5.53
C ALA A 302 16.71 25.84 -5.83
N GLU A 303 17.51 26.04 -4.78
CA GLU A 303 18.93 26.01 -4.90
C GLU A 303 19.52 25.26 -3.71
N GLU A 304 20.49 24.37 -3.95
CA GLU A 304 21.23 23.63 -2.93
C GLU A 304 22.69 23.83 -3.15
N ILE A 305 23.39 24.13 -2.07
CA ILE A 305 24.85 24.18 -2.14
C ILE A 305 25.42 23.15 -1.20
N LEU A 306 26.36 22.35 -1.70
CA LEU A 306 27.13 21.47 -0.86
C LEU A 306 28.63 21.43 -1.22
N ASP A 307 29.38 21.07 -0.19
CA ASP A 307 30.79 20.90 -0.29
C ASP A 307 31.02 19.51 -0.82
N VAL A 308 31.94 19.42 -1.79
CA VAL A 308 32.31 18.13 -2.40
C VAL A 308 33.82 18.11 -2.72
N THR A 309 34.36 16.97 -3.13
CA THR A 309 35.77 16.98 -3.57
C THR A 309 35.83 17.12 -5.10
N TYR A 310 36.36 18.25 -5.58
CA TYR A 310 36.40 18.57 -6.98
C TYR A 310 37.45 19.59 -7.35
N SER A 311 38.42 19.17 -8.17
CA SER A 311 39.61 20.00 -8.58
C SER A 311 39.66 20.47 -10.00
N GLY A 312 38.78 19.97 -10.84
CA GLY A 312 38.84 20.27 -12.26
C GLY A 312 38.28 21.63 -12.63
N ALA A 313 38.01 21.86 -13.92
CA ALA A 313 37.38 23.10 -14.37
C ALA A 313 35.89 23.20 -14.02
N GLU A 314 35.37 24.42 -13.98
N GLU A 314 35.39 24.44 -13.98
CA GLU A 314 33.97 24.63 -13.73
CA GLU A 314 33.96 24.80 -13.82
C GLU A 314 33.15 24.23 -14.95
C GLU A 314 33.13 24.28 -15.00
N MET A 315 31.99 23.64 -14.70
CA MET A 315 31.05 23.30 -15.76
C MET A 315 29.63 23.30 -15.25
N GLU A 316 28.70 23.39 -16.18
CA GLU A 316 27.30 23.40 -15.89
C GLU A 316 26.64 22.30 -16.74
N ILE A 317 25.84 21.46 -16.06
CA ILE A 317 25.28 20.26 -16.69
C ILE A 317 23.89 19.99 -16.20
N GLY A 318 22.98 19.67 -17.12
CA GLY A 318 21.58 19.44 -16.76
C GLY A 318 21.29 17.94 -16.78
N PHE A 319 20.46 17.51 -15.82
CA PHE A 319 20.14 16.09 -15.69
C PHE A 319 18.69 15.99 -15.31
N ASN A 320 18.00 14.99 -15.83
CA ASN A 320 16.72 14.55 -15.31
C ASN A 320 17.04 14.07 -13.92
N VAL A 321 16.45 14.72 -12.88
CA VAL A 321 16.81 14.45 -11.45
C VAL A 321 16.35 13.07 -11.01
N SER A 322 15.33 12.53 -11.68
CA SER A 322 14.82 11.22 -11.28
C SER A 322 15.83 10.13 -11.64
N TYR A 323 16.46 10.30 -12.81
CA TYR A 323 17.55 9.44 -13.21
C TYR A 323 18.63 9.53 -12.17
N VAL A 324 18.89 10.75 -11.67
CA VAL A 324 20.00 10.88 -10.75
C VAL A 324 19.64 10.22 -9.39
N LEU A 325 18.43 10.48 -8.92
CA LEU A 325 18.00 9.96 -7.60
C LEU A 325 17.93 8.42 -7.64
N ASP A 326 17.45 7.89 -8.75
CA ASP A 326 17.38 6.41 -8.95
C ASP A 326 18.77 5.81 -8.70
N VAL A 327 19.81 6.42 -9.29
CA VAL A 327 21.13 5.91 -9.15
C VAL A 327 21.59 6.00 -7.69
N LEU A 328 21.42 7.20 -7.12
CA LEU A 328 21.85 7.47 -5.74
C LEU A 328 21.08 6.58 -4.77
N ASN A 329 19.79 6.34 -5.00
CA ASN A 329 19.02 5.33 -4.20
C ASN A 329 19.56 3.90 -4.30
N ALA A 330 20.12 3.51 -5.42
CA ALA A 330 20.60 2.12 -5.59
C ALA A 330 22.03 1.93 -5.14
N LEU A 331 22.72 3.02 -4.92
CA LEU A 331 24.10 2.91 -4.51
C LEU A 331 24.26 2.56 -3.05
N LYS A 332 23.43 3.06 -2.14
CA LYS A 332 23.58 2.56 -0.73
C LYS A 332 25.03 2.49 -0.23
N CYS A 333 25.76 3.59 -0.31
CA CYS A 333 27.16 3.59 0.14
C CYS A 333 27.44 4.94 0.77
N GLU A 334 28.60 5.07 1.45
CA GLU A 334 29.00 6.33 2.06
C GLU A 334 29.19 7.49 1.12
N ASN A 335 30.06 7.31 0.11
CA ASN A 335 30.37 8.34 -0.87
C ASN A 335 30.25 7.90 -2.32
N VAL A 336 29.96 8.87 -3.18
N VAL A 336 29.88 8.82 -3.19
CA VAL A 336 29.76 8.63 -4.59
CA VAL A 336 29.82 8.52 -4.59
C VAL A 336 30.76 9.42 -5.43
C VAL A 336 30.88 9.30 -5.35
N ARG A 337 31.16 8.84 -6.55
CA ARG A 337 32.04 9.53 -7.49
C ARG A 337 31.23 9.75 -8.77
N MET A 338 31.22 11.00 -9.26
CA MET A 338 30.58 11.29 -10.56
C MET A 338 31.68 11.57 -11.51
N MET A 339 31.68 10.94 -12.67
CA MET A 339 32.76 11.15 -13.60
C MET A 339 32.25 11.83 -14.83
N LEU A 340 32.78 13.03 -15.06
CA LEU A 340 32.28 13.99 -15.99
C LEU A 340 33.32 14.22 -17.06
N THR A 341 32.83 14.57 -18.24
CA THR A 341 33.65 14.91 -19.39
C THR A 341 33.41 16.39 -19.77
N ASP A 342 32.21 16.66 -20.28
CA ASP A 342 31.74 18.02 -20.57
C ASP A 342 30.21 18.12 -20.41
N SER A 343 29.66 19.31 -20.68
CA SER A 343 28.25 19.64 -20.52
C SER A 343 27.33 18.89 -21.49
N VAL A 344 27.93 18.22 -22.48
CA VAL A 344 27.17 17.70 -23.58
C VAL A 344 27.30 16.15 -23.56
N SER A 345 28.09 15.65 -22.61
CA SER A 345 28.37 14.21 -22.53
C SER A 345 27.74 13.52 -21.33
N SER A 346 27.46 12.23 -21.47
CA SER A 346 26.94 11.41 -20.38
C SER A 346 27.85 11.45 -19.14
N VAL A 347 27.29 11.30 -17.93
CA VAL A 347 28.12 11.10 -16.77
C VAL A 347 28.08 9.68 -16.18
N GLN A 348 29.18 9.27 -15.55
CA GLN A 348 29.21 7.96 -14.92
C GLN A 348 29.17 8.25 -13.44
N ILE A 349 28.45 7.43 -12.70
CA ILE A 349 28.34 7.52 -11.29
C ILE A 349 28.63 6.14 -10.72
N GLU A 350 29.43 6.06 -9.66
CA GLU A 350 29.60 4.83 -8.96
C GLU A 350 29.95 5.13 -7.47
N ASP A 351 29.98 4.06 -6.66
CA ASP A 351 30.38 4.04 -5.23
C ASP A 351 31.82 4.47 -5.32
N ALA A 352 32.20 5.45 -4.52
CA ALA A 352 33.56 5.96 -4.56
C ALA A 352 34.53 4.85 -4.24
N ALA A 353 34.07 3.92 -3.39
CA ALA A 353 34.84 2.76 -2.86
C ALA A 353 34.64 1.41 -3.59
N SER A 354 33.97 1.38 -4.74
CA SER A 354 33.74 0.07 -5.42
C SER A 354 33.39 0.24 -6.89
N GLN A 355 33.92 -0.67 -7.72
CA GLN A 355 33.66 -0.61 -9.18
C GLN A 355 32.77 -1.74 -9.66
N SER A 356 32.29 -2.55 -8.70
CA SER A 356 31.23 -3.55 -8.95
C SER A 356 30.15 -3.04 -9.92
N ALA A 357 29.55 -1.90 -9.57
CA ALA A 357 28.50 -1.33 -10.44
C ALA A 357 28.87 0.07 -11.02
N ALA A 358 28.25 0.41 -12.14
CA ALA A 358 28.48 1.70 -12.83
C ALA A 358 27.16 2.17 -13.41
N TYR A 359 26.89 3.48 -13.31
CA TYR A 359 25.63 4.00 -13.76
C TYR A 359 26.05 5.05 -14.76
N VAL A 360 25.32 5.10 -15.86
CA VAL A 360 25.57 6.12 -16.85
C VAL A 360 24.26 6.86 -17.16
N VAL A 361 24.33 8.20 -17.19
CA VAL A 361 23.18 9.04 -17.40
C VAL A 361 23.54 10.09 -18.41
N MET A 362 22.62 10.21 -19.38
N MET A 362 22.67 10.21 -19.41
CA MET A 362 22.68 11.19 -20.45
CA MET A 362 22.87 11.17 -20.50
C MET A 362 22.34 12.57 -19.87
C MET A 362 22.39 12.53 -19.95
N PRO A 363 23.19 13.57 -20.14
CA PRO A 363 22.79 14.89 -19.65
C PRO A 363 21.60 15.37 -20.43
N MET A 364 20.90 16.37 -19.91
CA MET A 364 19.75 16.92 -20.62
C MET A 364 20.16 18.27 -21.13
N ARG A 365 19.59 18.68 -22.27
CA ARG A 365 19.87 19.97 -22.87
C ARG A 365 19.05 21.03 -22.09
N LEU A 366 19.78 22.04 -21.59
CA LEU A 366 19.26 23.03 -20.65
C LEU A 366 20.45 23.66 -19.86
N MET B 1 5.28 39.44 6.18
CA MET B 1 5.25 38.18 6.97
C MET B 1 6.61 37.47 6.98
N LYS B 2 7.03 37.01 8.16
CA LYS B 2 8.36 36.46 8.32
C LYS B 2 8.31 35.60 9.58
N PHE B 3 8.95 34.44 9.56
CA PHE B 3 9.07 33.64 10.81
C PHE B 3 10.24 32.67 10.70
N THR B 4 10.82 32.24 11.82
CA THR B 4 11.80 31.17 11.82
C THR B 4 11.40 30.15 12.84
N VAL B 5 11.20 28.92 12.36
CA VAL B 5 10.72 27.83 13.18
C VAL B 5 11.58 26.60 12.95
N GLU B 6 11.73 25.80 14.01
CA GLU B 6 12.37 24.49 13.94
C GLU B 6 11.49 23.62 13.05
N ARG B 7 12.12 22.79 12.23
CA ARG B 7 11.45 21.85 11.36
C ARG B 7 10.44 20.92 12.11
N GLU B 8 10.86 20.33 13.22
CA GLU B 8 10.05 19.32 13.88
C GLU B 8 8.82 19.96 14.53
N HIS B 9 8.87 21.30 14.72
CA HIS B 9 7.64 22.04 15.10
C HIS B 9 6.63 22.28 13.95
N LEU B 10 7.08 22.23 12.68
CA LEU B 10 6.23 22.35 11.49
C LEU B 10 5.67 21.05 10.98
N LEU B 11 6.41 19.96 11.12
CA LEU B 11 6.04 18.67 10.51
C LEU B 11 4.61 18.17 10.81
N LYS B 12 4.25 18.06 12.09
CA LYS B 12 2.92 17.58 12.57
C LYS B 12 1.80 18.53 12.12
N PRO B 13 1.96 19.84 12.38
CA PRO B 13 0.87 20.73 11.94
C PRO B 13 0.62 20.70 10.46
N LEU B 14 1.69 20.78 9.65
CA LEU B 14 1.63 20.60 8.19
C LEU B 14 0.83 19.33 7.78
N GLN B 15 1.16 18.20 8.39
CA GLN B 15 0.50 16.93 8.04
C GLN B 15 -0.97 17.03 8.43
N GLN B 16 -1.26 17.64 9.56
CA GLN B 16 -2.63 17.68 10.05
C GLN B 16 -3.56 18.58 9.15
N VAL B 17 -3.03 19.70 8.65
CA VAL B 17 -3.79 20.62 7.85
C VAL B 17 -3.86 20.19 6.34
N SER B 18 -3.03 19.26 5.92
CA SER B 18 -3.18 18.76 4.56
C SER B 18 -4.03 17.48 4.58
N GLY B 19 -5.32 17.61 4.26
CA GLY B 19 -6.32 16.57 4.62
C GLY B 19 -6.80 15.67 3.49
N PRO B 20 -6.16 14.48 3.34
CA PRO B 20 -6.06 13.52 2.20
C PRO B 20 -7.00 13.49 0.99
N LEU B 21 -8.04 12.64 0.97
CA LEU B 21 -8.73 12.25 -0.31
C LEU B 21 -9.11 13.38 -1.32
N GLY B 22 -8.82 14.63 -0.95
CA GLY B 22 -8.85 15.78 -1.89
C GLY B 22 -7.50 15.95 -2.56
N GLY B 23 -7.20 15.05 -3.49
CA GLY B 23 -6.04 15.13 -4.36
C GLY B 23 -6.24 15.97 -5.62
N ARG B 24 -7.50 16.23 -5.95
CA ARG B 24 -7.86 16.92 -7.18
C ARG B 24 -8.67 18.21 -6.88
N PRO B 25 -8.05 19.40 -7.14
CA PRO B 25 -8.35 20.68 -6.49
C PRO B 25 -9.74 21.29 -6.62
N THR B 26 -10.24 21.46 -7.85
CA THR B 26 -11.36 22.37 -8.10
C THR B 26 -10.65 23.72 -8.35
N LEU B 27 -11.00 24.74 -7.58
CA LEU B 27 -10.22 25.99 -7.52
C LEU B 27 -8.76 25.75 -7.13
N PRO B 28 -7.82 26.41 -7.83
CA PRO B 28 -6.36 26.34 -7.59
C PRO B 28 -5.96 26.63 -6.13
N ILE B 29 -6.50 27.72 -5.57
CA ILE B 29 -6.14 28.20 -4.21
C ILE B 29 -6.44 27.16 -3.12
N LEU B 30 -7.33 26.26 -3.49
CA LEU B 30 -7.66 25.15 -2.64
C LEU B 30 -6.50 24.17 -2.51
N GLY B 31 -5.52 24.23 -3.42
CA GLY B 31 -4.33 23.39 -3.31
C GLY B 31 -3.25 24.04 -2.43
N ASN B 32 -3.55 25.24 -1.93
CA ASN B 32 -2.60 26.04 -1.12
C ASN B 32 -2.97 25.96 0.34
N LEU B 33 -1.96 26.17 1.18
CA LEU B 33 -2.22 26.38 2.59
C LEU B 33 -2.13 27.85 2.94
N LEU B 34 -2.97 28.28 3.89
CA LEU B 34 -2.96 29.68 4.33
C LEU B 34 -2.04 29.79 5.52
N LEU B 35 -1.03 30.65 5.41
CA LEU B 35 -0.07 30.92 6.51
C LEU B 35 -0.44 32.29 7.05
N GLN B 36 -0.57 32.41 8.36
CA GLN B 36 -0.82 33.72 9.01
C GLN B 36 0.06 33.86 10.23
N VAL B 37 0.74 35.00 10.32
CA VAL B 37 1.50 35.31 11.53
C VAL B 37 0.80 36.50 12.22
N ALA B 38 0.39 36.30 13.47
CA ALA B 38 -0.30 37.38 14.23
C ALA B 38 -0.12 37.07 15.67
N ASP B 39 0.11 38.09 16.51
CA ASP B 39 0.18 37.91 17.97
C ASP B 39 1.12 36.76 18.35
N GLY B 40 2.36 36.70 17.83
CA GLY B 40 3.22 35.55 18.20
C GLY B 40 2.80 34.10 17.86
N THR B 41 1.89 33.91 16.88
CA THR B 41 1.46 32.57 16.50
C THR B 41 1.45 32.47 14.98
N LEU B 42 1.92 31.33 14.48
CA LEU B 42 1.77 31.04 13.06
C LEU B 42 0.55 30.12 12.96
N SER B 43 -0.36 30.49 12.10
CA SER B 43 -1.50 29.64 11.85
C SER B 43 -1.41 29.12 10.40
N LEU B 44 -1.67 27.82 10.25
CA LEU B 44 -1.72 27.14 8.96
C LEU B 44 -3.09 26.54 8.68
N THR B 45 -3.68 26.82 7.52
CA THR B 45 -5.09 26.43 7.29
C THR B 45 -5.22 25.78 5.93
N GLY B 46 -5.83 24.59 5.91
CA GLY B 46 -6.20 23.88 4.67
C GLY B 46 -7.72 23.80 4.57
N THR B 47 -8.30 23.84 3.37
CA THR B 47 -9.75 23.78 3.23
C THR B 47 -10.15 23.14 1.89
N ASP B 48 -11.28 22.44 1.87
CA ASP B 48 -11.90 22.07 0.59
C ASP B 48 -13.24 22.76 0.39
N LEU B 49 -13.55 23.78 1.20
CA LEU B 49 -14.85 24.52 1.19
C LEU B 49 -15.92 23.88 2.11
N GLU B 50 -16.01 22.56 2.17
CA GLU B 50 -16.95 21.86 3.04
C GLU B 50 -16.36 21.75 4.45
N MET B 51 -15.04 21.55 4.50
CA MET B 51 -14.33 21.51 5.78
C MET B 51 -13.03 22.34 5.81
N GLU B 52 -12.48 22.54 6.99
CA GLU B 52 -11.28 23.33 7.10
C GLU B 52 -10.47 22.83 8.33
N MET B 53 -9.15 22.80 8.25
CA MET B 53 -8.31 22.30 9.35
C MET B 53 -7.32 23.41 9.69
N VAL B 54 -7.19 23.79 10.98
CA VAL B 54 -6.32 24.94 11.32
C VAL B 54 -5.39 24.45 12.42
N ALA B 55 -4.08 24.71 12.31
CA ALA B 55 -3.06 24.42 13.36
C ALA B 55 -2.39 25.72 13.71
N ARG B 56 -2.03 25.84 14.98
CA ARG B 56 -1.39 27.07 15.44
C ARG B 56 -0.06 26.62 15.96
N VAL B 57 0.99 27.40 15.68
CA VAL B 57 2.26 27.09 16.26
C VAL B 57 2.91 28.34 16.84
N ALA B 58 3.35 28.20 18.08
CA ALA B 58 3.87 29.31 18.83
C ALA B 58 5.21 29.69 18.17
N LEU B 59 5.43 31.00 18.08
CA LEU B 59 6.63 31.58 17.46
C LEU B 59 7.49 32.24 18.54
N VAL B 60 8.56 31.59 18.93
CA VAL B 60 9.46 32.19 19.94
C VAL B 60 10.58 33.01 19.36
N GLN B 61 11.01 32.68 18.13
CA GLN B 61 12.00 33.52 17.50
C GLN B 61 11.37 34.79 16.92
N PRO B 62 12.20 35.81 16.61
CA PRO B 62 11.68 36.98 15.96
C PRO B 62 10.78 36.63 14.75
N HIS B 63 9.72 37.41 14.58
CA HIS B 63 8.71 37.12 13.56
C HIS B 63 8.03 38.43 13.23
N GLU B 64 7.35 38.44 12.10
N GLU B 64 7.40 38.49 12.06
CA GLU B 64 6.72 39.64 11.59
CA GLU B 64 6.70 39.67 11.67
C GLU B 64 5.38 39.23 11.03
C GLU B 64 5.38 39.25 11.04
N PRO B 65 4.31 39.98 11.39
CA PRO B 65 2.97 39.52 11.02
C PRO B 65 2.65 39.71 9.55
N GLY B 66 1.65 38.96 9.09
CA GLY B 66 1.14 39.06 7.74
C GLY B 66 0.67 37.68 7.33
N ALA B 67 0.23 37.57 6.10
CA ALA B 67 -0.28 36.29 5.61
C ALA B 67 -0.01 36.09 4.14
N THR B 68 0.02 34.82 3.70
CA THR B 68 0.02 34.48 2.30
C THR B 68 -0.47 33.05 2.12
N THR B 69 -0.59 32.60 0.85
CA THR B 69 -0.89 31.20 0.65
C THR B 69 0.14 30.58 -0.31
N VAL B 70 0.52 29.34 0.00
CA VAL B 70 1.54 28.61 -0.78
C VAL B 70 1.03 27.24 -1.12
N PRO B 71 1.50 26.67 -2.27
CA PRO B 71 1.28 25.28 -2.61
C PRO B 71 1.53 24.36 -1.44
N ALA B 72 0.45 23.68 -1.04
CA ALA B 72 0.46 22.86 0.17
C ALA B 72 1.47 21.68 0.14
N ARG B 73 1.36 20.84 -0.87
N ARG B 73 1.40 20.84 -0.89
CA ARG B 73 2.19 19.63 -0.99
CA ARG B 73 2.24 19.63 -0.95
C ARG B 73 3.68 20.00 -1.14
C ARG B 73 3.71 20.03 -1.09
N LYS B 74 3.97 21.04 -1.91
CA LYS B 74 5.39 21.46 -2.08
C LYS B 74 6.01 22.00 -0.83
N PHE B 75 5.29 22.83 -0.10
CA PHE B 75 5.84 23.41 1.16
C PHE B 75 6.04 22.30 2.18
N PHE B 76 5.06 21.40 2.30
CA PHE B 76 5.31 20.20 3.11
C PHE B 76 6.53 19.39 2.68
N ASP B 77 6.68 19.11 1.37
CA ASP B 77 7.79 18.25 0.88
C ASP B 77 9.13 18.89 1.12
N ILE B 78 9.20 20.23 0.98
CA ILE B 78 10.37 20.99 1.30
C ILE B 78 10.73 20.83 2.78
N CYS B 79 9.77 21.06 3.70
CA CYS B 79 10.13 21.03 5.13
C CYS B 79 10.56 19.65 5.54
N ARG B 80 9.82 18.62 5.08
N ARG B 80 9.82 18.63 5.08
CA ARG B 80 10.10 17.22 5.42
CA ARG B 80 10.08 17.23 5.39
C ARG B 80 11.45 16.75 4.87
C ARG B 80 11.44 16.78 4.86
N GLY B 81 11.83 17.26 3.70
CA GLY B 81 13.10 16.82 3.09
C GLY B 81 14.39 17.45 3.67
N LEU B 82 14.22 18.51 4.50
CA LEU B 82 15.37 19.12 5.17
C LEU B 82 15.82 18.14 6.28
N PRO B 83 17.08 18.28 6.76
CA PRO B 83 17.64 17.42 7.82
C PRO B 83 16.96 17.61 9.19
N GLU B 84 16.95 16.54 9.98
CA GLU B 84 16.54 16.64 11.36
C GLU B 84 17.21 17.82 12.02
N GLY B 85 16.39 18.54 12.80
CA GLY B 85 16.81 19.72 13.54
C GLY B 85 17.05 20.98 12.74
N ALA B 86 16.66 21.00 11.48
CA ALA B 86 16.81 22.21 10.66
C ALA B 86 15.96 23.39 11.16
N GLU B 87 16.51 24.57 11.08
CA GLU B 87 15.80 25.81 11.35
C GLU B 87 15.27 26.33 9.99
N ILE B 88 14.00 26.67 9.95
CA ILE B 88 13.35 27.07 8.71
C ILE B 88 12.95 28.52 8.89
N ALA B 89 13.56 29.38 8.08
CA ALA B 89 13.24 30.78 8.08
C ALA B 89 12.41 31.02 6.86
N VAL B 90 11.31 31.74 7.02
CA VAL B 90 10.39 31.98 5.91
C VAL B 90 10.13 33.48 5.85
N GLN B 91 10.07 34.03 4.65
CA GLN B 91 9.78 35.43 4.52
C GLN B 91 9.05 35.60 3.24
N LEU B 92 8.11 36.52 3.24
CA LEU B 92 7.27 36.64 2.09
C LEU B 92 7.93 37.77 1.34
N GLU B 93 8.06 37.61 0.03
CA GLU B 93 8.83 38.49 -0.83
C GLU B 93 8.14 38.67 -2.19
N GLY B 94 7.26 39.65 -2.28
CA GLY B 94 6.60 39.93 -3.54
C GLY B 94 5.54 38.90 -3.78
N GLU B 95 5.48 38.34 -4.99
CA GLU B 95 4.49 37.30 -5.23
C GLU B 95 5.10 35.92 -5.02
N ARG B 96 6.17 35.86 -4.22
CA ARG B 96 6.84 34.62 -3.91
C ARG B 96 7.03 34.44 -2.40
N MET B 97 7.09 33.20 -1.94
CA MET B 97 7.48 32.97 -0.58
C MET B 97 8.83 32.25 -0.51
N LEU B 98 9.77 32.85 0.23
CA LEU B 98 11.15 32.45 0.32
C LEU B 98 11.30 31.56 1.52
N VAL B 99 11.81 30.38 1.30
CA VAL B 99 12.05 29.42 2.36
C VAL B 99 13.55 29.13 2.37
N ARG B 100 14.21 29.23 3.51
CA ARG B 100 15.63 28.97 3.53
C ARG B 100 16.02 28.29 4.80
N SER B 101 16.92 27.35 4.67
CA SER B 101 17.45 26.64 5.82
C SER B 101 18.85 26.14 5.43
N GLY B 102 19.85 26.36 6.25
CA GLY B 102 21.19 25.88 5.92
C GLY B 102 21.56 26.60 4.65
N ARG B 103 22.02 25.85 3.63
CA ARG B 103 22.28 26.42 2.29
C ARG B 103 21.34 25.88 1.22
N SER B 104 20.08 25.68 1.60
CA SER B 104 19.00 25.28 0.71
C SER B 104 18.12 26.52 0.68
N ARG B 105 17.73 26.96 -0.52
N ARG B 105 17.64 26.90 -0.50
CA ARG B 105 16.78 28.08 -0.67
CA ARG B 105 16.78 28.08 -0.61
C ARG B 105 15.65 27.61 -1.56
C ARG B 105 15.70 27.85 -1.68
N PHE B 106 14.44 28.11 -1.32
CA PHE B 106 13.32 27.82 -2.15
C PHE B 106 12.46 29.05 -2.28
N SER B 107 11.94 29.25 -3.48
CA SER B 107 11.00 30.32 -3.70
C SER B 107 9.70 29.67 -4.27
N LEU B 108 8.61 29.75 -3.50
CA LEU B 108 7.30 29.21 -3.94
C LEU B 108 6.36 30.27 -4.43
N SER B 109 5.49 29.89 -5.35
CA SER B 109 4.53 30.85 -5.85
C SER B 109 3.46 31.07 -4.76
N THR B 110 2.81 32.22 -4.77
CA THR B 110 1.76 32.49 -3.81
C THR B 110 0.46 32.91 -4.49
N LEU B 111 -0.63 32.76 -3.76
CA LEU B 111 -1.89 33.39 -4.12
C LEU B 111 -2.33 34.20 -2.88
N PRO B 112 -3.02 35.34 -3.09
CA PRO B 112 -3.31 36.25 -1.97
C PRO B 112 -4.11 35.58 -0.82
N ALA B 113 -3.63 35.79 0.38
CA ALA B 113 -4.36 35.34 1.54
C ALA B 113 -5.79 35.97 1.60
N ALA B 114 -5.94 37.22 1.13
CA ALA B 114 -7.24 37.86 0.99
C ALA B 114 -8.19 37.00 0.13
N ASP B 115 -7.66 36.30 -0.87
CA ASP B 115 -8.43 35.34 -1.71
C ASP B 115 -8.77 33.99 -1.09
N PHE B 116 -8.15 33.65 0.04
CA PHE B 116 -8.36 32.31 0.56
C PHE B 116 -9.80 32.13 1.12
N PRO B 117 -10.45 31.00 0.79
CA PRO B 117 -11.84 30.84 1.20
C PRO B 117 -12.00 30.87 2.75
N ASN B 118 -12.90 31.75 3.21
CA ASN B 118 -13.24 31.76 4.62
C ASN B 118 -14.49 30.90 4.87
N LEU B 119 -14.52 30.17 5.95
CA LEU B 119 -15.78 29.58 6.29
C LEU B 119 -16.44 30.65 7.17
N ASP B 120 -17.73 30.82 7.03
CA ASP B 120 -18.36 31.91 7.79
C ASP B 120 -18.42 31.57 9.29
N ASP B 121 -18.30 32.59 10.16
CA ASP B 121 -18.56 32.44 11.59
C ASP B 121 -19.97 31.90 11.79
N TRP B 122 -20.17 31.07 12.79
CA TRP B 122 -21.49 30.50 13.00
C TRP B 122 -21.47 30.36 14.50
N GLN B 123 -22.60 30.08 15.11
CA GLN B 123 -22.68 30.03 16.55
C GLN B 123 -22.89 28.60 17.01
N SER B 124 -22.16 28.19 18.04
CA SER B 124 -22.44 26.87 18.56
C SER B 124 -23.73 26.83 19.41
N GLU B 125 -24.35 25.66 19.45
CA GLU B 125 -25.61 25.37 20.14
C GLU B 125 -25.45 24.25 21.20
N VAL B 126 -24.50 23.33 21.00
CA VAL B 126 -24.18 22.25 21.95
C VAL B 126 -22.66 22.16 22.02
N GLU B 127 -22.13 21.98 23.21
CA GLU B 127 -20.71 21.88 23.40
C GLU B 127 -20.49 20.82 24.40
N PHE B 128 -19.47 19.98 24.18
CA PHE B 128 -19.04 19.02 25.18
C PHE B 128 -17.56 18.63 25.05
N THR B 129 -17.00 18.08 26.11
CA THR B 129 -15.68 17.58 25.87
C THR B 129 -15.64 16.07 26.00
N LEU B 130 -14.60 15.48 25.46
CA LEU B 130 -14.53 14.05 25.56
C LEU B 130 -13.25 13.50 25.03
N PRO B 131 -12.80 12.40 25.67
CA PRO B 131 -11.52 11.75 25.40
C PRO B 131 -11.49 11.33 23.96
N GLN B 132 -10.31 11.48 23.35
CA GLN B 132 -10.06 10.98 22.02
C GLN B 132 -10.43 9.54 21.88
N ALA B 133 -10.06 8.71 22.88
CA ALA B 133 -10.33 7.30 22.82
C ALA B 133 -11.83 6.98 22.60
N THR B 134 -12.71 7.75 23.22
CA THR B 134 -14.16 7.53 23.15
C THR B 134 -14.70 7.97 21.79
N MET B 135 -14.23 9.10 21.25
CA MET B 135 -14.51 9.45 19.79
C MET B 135 -14.03 8.34 18.82
N LYS B 136 -12.78 7.88 18.94
CA LYS B 136 -12.25 6.77 18.17
C LYS B 136 -13.17 5.51 18.28
N ARG B 137 -13.50 5.10 19.52
CA ARG B 137 -14.41 3.97 19.72
C ARG B 137 -15.71 4.15 18.89
N LEU B 138 -16.34 5.29 19.10
CA LEU B 138 -17.61 5.64 18.43
C LEU B 138 -17.55 5.59 16.89
N ILE B 139 -16.47 6.13 16.34
CA ILE B 139 -16.35 6.15 14.89
C ILE B 139 -16.04 4.71 14.35
N GLU B 140 -15.09 4.01 14.96
N GLU B 140 -15.09 4.02 14.98
CA GLU B 140 -14.68 2.67 14.46
CA GLU B 140 -14.62 2.66 14.56
C GLU B 140 -15.82 1.63 14.59
C GLU B 140 -15.72 1.59 14.67
N ALA B 141 -16.63 1.81 15.62
CA ALA B 141 -17.75 0.98 15.89
C ALA B 141 -18.82 1.02 14.79
N THR B 142 -18.88 2.08 13.98
CA THR B 142 -20.06 2.30 13.07
C THR B 142 -19.68 2.71 11.66
N GLN B 143 -18.47 3.21 11.46
CA GLN B 143 -18.13 3.91 10.22
C GLN B 143 -18.40 3.03 9.01
N PHE B 144 -18.10 1.74 9.19
CA PHE B 144 -18.17 0.78 8.07
C PHE B 144 -19.60 0.57 7.56
N SER B 145 -20.58 0.96 8.37
CA SER B 145 -21.98 0.79 7.96
C SER B 145 -22.56 2.03 7.24
N MET B 146 -21.72 3.03 6.97
CA MET B 146 -22.20 4.19 6.21
C MET B 146 -22.47 3.81 4.77
N ALA B 147 -23.48 4.44 4.13
CA ALA B 147 -23.72 4.23 2.70
C ALA B 147 -22.59 4.89 1.90
N HIS B 148 -22.52 4.70 0.59
CA HIS B 148 -21.42 5.38 -0.14
C HIS B 148 -21.78 6.57 -1.05
N GLN B 149 -22.63 6.29 -2.01
CA GLN B 149 -23.16 7.32 -2.86
C GLN B 149 -24.61 7.00 -3.04
N ASP B 150 -25.30 6.75 -1.94
CA ASP B 150 -26.72 6.48 -2.02
C ASP B 150 -27.48 7.77 -2.41
N VAL B 151 -28.54 7.64 -3.23
CA VAL B 151 -29.40 8.82 -3.61
C VAL B 151 -29.96 9.48 -2.32
N ARG B 152 -30.40 8.67 -1.36
CA ARG B 152 -30.71 9.13 -0.01
C ARG B 152 -29.41 9.55 0.65
N TYR B 153 -29.04 10.82 0.40
CA TYR B 153 -27.72 11.38 0.67
C TYR B 153 -27.33 11.45 2.17
N TYR B 154 -28.33 11.59 3.02
CA TYR B 154 -28.14 11.62 4.45
C TYR B 154 -27.53 10.28 4.94
N LEU B 155 -27.73 9.20 4.20
CA LEU B 155 -27.15 7.86 4.61
C LEU B 155 -25.64 7.76 4.43
N ASN B 156 -25.10 8.67 3.62
CA ASN B 156 -23.67 8.68 3.28
C ASN B 156 -22.83 9.27 4.40
N GLY B 157 -23.53 9.86 5.37
CA GLY B 157 -22.89 10.35 6.60
C GLY B 157 -23.10 9.48 7.84
N MET B 158 -22.58 10.00 8.96
CA MET B 158 -22.81 9.42 10.28
C MET B 158 -23.58 10.37 11.22
N LEU B 159 -24.53 9.78 11.94
CA LEU B 159 -25.33 10.54 12.85
C LEU B 159 -24.58 10.58 14.10
N PHE B 160 -24.47 11.79 14.70
CA PHE B 160 -23.96 11.96 16.06
C PHE B 160 -25.12 12.49 16.90
N GLU B 161 -25.47 11.75 17.93
CA GLU B 161 -26.62 12.07 18.76
C GLU B 161 -26.24 12.28 20.22
N THR B 162 -26.61 13.42 20.82
CA THR B 162 -26.40 13.63 22.29
C THR B 162 -27.73 13.32 22.98
N GLU B 163 -27.68 12.56 24.09
CA GLU B 163 -28.90 12.18 24.75
C GLU B 163 -28.50 11.91 26.16
N GLY B 164 -29.02 12.67 27.14
CA GLY B 164 -28.80 12.27 28.54
C GLY B 164 -27.37 12.66 28.83
N GLU B 165 -26.56 11.68 29.18
CA GLU B 165 -25.12 11.90 29.30
C GLU B 165 -24.29 11.00 28.39
N GLU B 166 -24.87 10.62 27.26
CA GLU B 166 -24.22 9.77 26.28
C GLU B 166 -24.02 10.54 24.98
N LEU B 167 -22.98 10.19 24.22
CA LEU B 167 -22.86 10.58 22.81
C LEU B 167 -23.04 9.27 22.05
N ARG B 168 -23.88 9.28 21.00
CA ARG B 168 -24.05 8.07 20.20
C ARG B 168 -23.76 8.32 18.74
N THR B 169 -23.21 7.32 18.07
CA THR B 169 -23.15 7.35 16.60
C THR B 169 -24.07 6.28 16.02
N VAL B 170 -24.67 6.59 14.89
N VAL B 170 -24.59 6.58 14.83
CA VAL B 170 -25.31 5.57 14.06
CA VAL B 170 -25.42 5.67 14.05
C VAL B 170 -24.97 5.78 12.58
C VAL B 170 -24.97 5.80 12.56
N ALA B 171 -24.78 4.67 11.90
CA ALA B 171 -24.56 4.64 10.46
C ALA B 171 -25.36 3.48 9.89
N THR B 172 -25.95 3.69 8.70
CA THR B 172 -26.71 2.67 8.02
C THR B 172 -26.69 2.96 6.51
N ASP B 173 -26.85 1.90 5.73
CA ASP B 173 -26.87 2.02 4.28
C ASP B 173 -28.18 1.50 3.70
N GLY B 174 -29.16 1.29 4.56
CA GLY B 174 -30.45 0.77 4.16
C GLY B 174 -30.53 -0.74 4.23
N HIS B 175 -29.39 -1.44 4.38
CA HIS B 175 -29.31 -2.90 4.46
C HIS B 175 -28.75 -3.38 5.79
N ARG B 176 -27.85 -2.60 6.34
CA ARG B 176 -27.29 -2.99 7.60
C ARG B 176 -27.12 -1.74 8.48
N LEU B 177 -27.05 -1.92 9.80
CA LEU B 177 -26.96 -0.74 10.64
C LEU B 177 -25.99 -0.97 11.78
N ALA B 178 -25.30 0.11 12.18
CA ALA B 178 -24.47 0.11 13.39
C ALA B 178 -24.86 1.28 14.33
N VAL B 179 -24.84 1.02 15.63
CA VAL B 179 -25.10 2.12 16.57
C VAL B 179 -24.19 1.87 17.74
N CYS B 180 -23.63 2.93 18.29
CA CYS B 180 -22.75 2.81 19.45
C CYS B 180 -22.99 4.02 20.36
N SER B 181 -23.08 3.82 21.68
CA SER B 181 -23.20 4.95 22.57
C SER B 181 -22.18 4.80 23.67
N MET B 182 -21.64 5.91 24.10
CA MET B 182 -20.60 5.92 25.10
C MET B 182 -20.92 7.02 26.08
N PRO B 183 -20.77 6.74 27.39
CA PRO B 183 -21.09 7.77 28.33
C PRO B 183 -20.01 8.83 28.33
N ILE B 184 -20.39 10.07 28.64
CA ILE B 184 -19.35 11.14 28.59
C ILE B 184 -19.27 12.05 29.82
N GLY B 185 -20.17 11.78 30.75
CA GLY B 185 -20.11 12.38 32.10
C GLY B 185 -20.49 13.85 32.14
N GLN B 186 -21.18 14.34 31.10
CA GLN B 186 -21.73 15.70 31.03
C GLN B 186 -23.20 15.52 30.66
N SER B 187 -24.07 16.33 31.23
CA SER B 187 -25.50 16.21 30.97
C SER B 187 -25.75 17.05 29.71
N LEU B 188 -26.23 16.46 28.65
CA LEU B 188 -26.31 17.28 27.43
C LEU B 188 -27.75 17.39 26.94
N PRO B 189 -28.13 18.49 26.19
CA PRO B 189 -29.45 18.56 25.51
C PRO B 189 -29.61 17.40 24.51
N SER B 190 -30.84 17.04 24.21
CA SER B 190 -31.03 16.04 23.15
C SER B 190 -30.83 16.73 21.79
N HIS B 191 -29.94 16.22 20.95
CA HIS B 191 -29.60 16.91 19.72
C HIS B 191 -28.97 15.90 18.77
N SER B 192 -29.28 16.03 17.47
CA SER B 192 -28.86 15.05 16.45
C SER B 192 -28.29 15.81 15.26
N VAL B 193 -27.12 15.41 14.78
CA VAL B 193 -26.61 15.96 13.51
C VAL B 193 -26.01 14.88 12.62
N ILE B 194 -25.97 15.14 11.31
CA ILE B 194 -25.29 14.24 10.36
C ILE B 194 -23.95 14.83 9.91
N VAL B 195 -22.86 14.11 10.21
CA VAL B 195 -21.52 14.44 9.71
C VAL B 195 -21.21 13.77 8.36
N PRO B 196 -20.77 14.56 7.33
CA PRO B 196 -20.53 13.94 6.03
C PRO B 196 -19.30 12.98 6.10
N ARG B 197 -19.26 12.02 5.17
CA ARG B 197 -18.21 10.98 5.13
C ARG B 197 -16.79 11.54 5.28
N LYS B 198 -16.45 12.56 4.48
CA LYS B 198 -15.12 13.18 4.58
C LYS B 198 -14.89 13.81 5.98
N GLY B 199 -15.95 14.32 6.64
CA GLY B 199 -15.75 14.88 7.99
C GLY B 199 -15.44 13.82 9.04
N VAL B 200 -16.11 12.69 8.92
CA VAL B 200 -15.84 11.54 9.88
C VAL B 200 -14.38 11.04 9.66
N ILE B 201 -13.98 10.98 8.39
CA ILE B 201 -12.54 10.67 8.03
C ILE B 201 -11.56 11.63 8.73
N GLU B 202 -11.83 12.93 8.57
CA GLU B 202 -10.97 13.94 9.23
C GLU B 202 -11.03 13.92 10.78
N LEU B 203 -12.21 13.72 11.33
CA LEU B 203 -12.33 13.55 12.78
C LEU B 203 -11.45 12.41 13.26
N MET B 204 -11.55 11.24 12.61
CA MET B 204 -10.68 10.11 12.99
C MET B 204 -9.19 10.42 12.84
N ARG B 205 -8.78 11.03 11.72
N ARG B 205 -8.82 11.02 11.70
CA ARG B 205 -7.34 11.31 11.48
CA ARG B 205 -7.43 11.43 11.39
C ARG B 205 -6.72 12.37 12.42
C ARG B 205 -6.77 12.25 12.52
N MET B 206 -7.55 13.08 13.19
CA MET B 206 -6.98 14.06 14.15
C MET B 206 -6.77 13.52 15.57
N LEU B 207 -7.20 12.27 15.76
CA LEU B 207 -6.98 11.50 16.95
C LEU B 207 -5.55 10.87 16.98
N ASP B 208 -4.74 11.24 17.97
CA ASP B 208 -3.31 10.98 17.91
C ASP B 208 -2.77 10.06 19.00
N GLY B 209 -3.61 9.73 19.97
CA GLY B 209 -3.25 8.78 21.01
C GLY B 209 -3.04 9.51 22.31
N GLY B 210 -2.81 10.82 22.20
CA GLY B 210 -2.55 11.68 23.35
C GLY B 210 -3.72 11.79 24.30
N ASP B 211 -3.57 12.65 25.28
CA ASP B 211 -4.68 12.94 26.15
C ASP B 211 -4.92 14.44 26.17
N ASN B 212 -4.83 15.04 24.98
CA ASN B 212 -5.60 16.22 24.66
C ASN B 212 -7.03 15.69 24.38
N PRO B 213 -8.02 16.15 25.15
CA PRO B 213 -9.41 15.80 24.88
C PRO B 213 -9.94 16.60 23.73
N LEU B 214 -10.98 16.08 23.08
CA LEU B 214 -11.70 16.82 22.05
C LEU B 214 -12.63 17.76 22.76
N ARG B 215 -12.67 18.98 22.26
CA ARG B 215 -13.63 19.94 22.62
C ARG B 215 -14.49 20.10 21.36
N VAL B 216 -15.74 19.69 21.49
CA VAL B 216 -16.68 19.64 20.42
C VAL B 216 -17.70 20.74 20.51
N GLN B 217 -18.01 21.37 19.37
CA GLN B 217 -19.07 22.33 19.33
C GLN B 217 -19.87 22.05 18.06
N ILE B 218 -21.19 22.05 18.21
CA ILE B 218 -22.10 21.76 17.08
C ILE B 218 -23.00 22.97 16.91
N GLY B 219 -23.03 23.58 15.73
CA GLY B 219 -24.10 24.54 15.41
C GLY B 219 -25.23 23.96 14.56
N SER B 220 -26.06 24.83 13.99
CA SER B 220 -27.15 24.34 13.12
C SER B 220 -26.60 23.63 11.90
N ASN B 221 -25.48 24.12 11.37
CA ASN B 221 -25.04 23.63 10.07
C ASN B 221 -23.56 23.22 9.99
N ASN B 222 -22.88 23.21 11.15
CA ASN B 222 -21.45 23.02 11.27
C ASN B 222 -21.13 22.25 12.50
N ILE B 223 -20.06 21.47 12.43
CA ILE B 223 -19.41 20.93 13.62
C ILE B 223 -17.91 21.33 13.74
N ARG B 224 -17.41 21.46 14.95
CA ARG B 224 -16.02 21.83 15.18
C ARG B 224 -15.42 20.96 16.24
N ALA B 225 -14.16 20.54 16.06
CA ALA B 225 -13.46 19.81 17.09
C ALA B 225 -12.11 20.42 17.31
N HIS B 226 -11.78 20.64 18.59
N HIS B 226 -11.83 20.77 18.58
CA HIS B 226 -10.50 21.21 18.99
CA HIS B 226 -10.50 21.19 19.00
C HIS B 226 -9.65 20.27 19.88
C HIS B 226 -9.81 20.01 19.66
N VAL B 227 -8.53 19.79 19.32
CA VAL B 227 -7.62 18.92 20.05
C VAL B 227 -6.27 19.57 20.08
N GLY B 228 -5.74 19.85 21.25
CA GLY B 228 -4.52 20.62 21.34
C GLY B 228 -4.58 21.93 20.57
N ASP B 229 -3.60 22.14 19.69
CA ASP B 229 -3.50 23.35 18.87
C ASP B 229 -4.01 23.16 17.43
N PHE B 230 -4.97 22.25 17.28
CA PHE B 230 -5.54 21.86 15.99
C PHE B 230 -7.00 22.06 16.12
N ILE B 231 -7.62 22.67 15.10
CA ILE B 231 -9.06 22.90 15.11
C ILE B 231 -9.66 22.51 13.79
N PHE B 232 -10.63 21.60 13.83
CA PHE B 232 -11.29 21.10 12.63
C PHE B 232 -12.71 21.49 12.61
N THR B 233 -13.20 21.89 11.43
CA THR B 233 -14.58 22.32 11.25
C THR B 233 -15.13 21.69 10.00
N SER B 234 -16.40 21.25 10.04
CA SER B 234 -17.05 20.67 8.83
C SER B 234 -18.46 21.20 8.69
N LYS B 235 -18.94 21.37 7.45
CA LYS B 235 -20.35 21.44 7.29
C LYS B 235 -21.01 20.16 7.76
N LEU B 236 -22.25 20.32 8.15
CA LEU B 236 -23.14 19.24 8.49
C LEU B 236 -23.96 18.86 7.29
N VAL B 237 -24.54 17.68 7.34
CA VAL B 237 -25.43 17.23 6.24
C VAL B 237 -26.82 17.60 6.66
N ASP B 238 -27.49 18.31 5.80
CA ASP B 238 -28.77 18.82 6.12
C ASP B 238 -29.82 17.84 5.60
N GLY B 239 -30.32 16.98 6.49
CA GLY B 239 -31.42 16.07 6.19
C GLY B 239 -31.94 15.41 7.45
N ARG B 240 -32.90 14.51 7.32
CA ARG B 240 -33.35 13.82 8.50
C ARG B 240 -32.85 12.39 8.36
N PHE B 241 -32.44 11.83 9.48
CA PHE B 241 -31.75 10.55 9.51
C PHE B 241 -32.76 9.51 10.03
N PRO B 242 -32.68 8.24 9.56
CA PRO B 242 -33.52 7.15 10.17
C PRO B 242 -33.32 6.98 11.69
N ASP B 243 -34.41 6.76 12.40
CA ASP B 243 -34.33 6.42 13.79
C ASP B 243 -33.82 4.98 14.02
N TYR B 244 -32.66 4.79 14.65
CA TYR B 244 -32.13 3.44 14.78
C TYR B 244 -33.16 2.59 15.58
N ARG B 245 -33.90 3.27 16.44
CA ARG B 245 -34.76 2.63 17.44
C ARG B 245 -35.78 1.86 16.62
N ARG B 246 -36.14 2.41 15.46
N ARG B 246 -36.16 2.41 15.46
CA ARG B 246 -37.06 1.77 14.51
CA ARG B 246 -37.11 1.72 14.59
C ARG B 246 -36.51 0.41 13.99
C ARG B 246 -36.47 0.73 13.56
N VAL B 247 -35.19 0.37 13.79
CA VAL B 247 -34.55 -0.63 12.96
C VAL B 247 -34.15 -1.85 13.75
N LEU B 248 -33.77 -1.62 15.00
CA LEU B 248 -33.57 -2.65 15.98
C LEU B 248 -34.76 -3.67 15.96
N PRO B 249 -34.49 -4.97 15.67
CA PRO B 249 -35.62 -5.93 15.56
C PRO B 249 -36.58 -5.88 16.75
N LYS B 250 -37.87 -6.05 16.44
CA LYS B 250 -38.96 -5.86 17.39
C LYS B 250 -38.65 -6.51 18.74
N ASN B 251 -38.87 -7.82 18.81
CA ASN B 251 -38.32 -8.63 19.89
C ASN B 251 -37.76 -9.98 19.35
N PRO B 252 -36.42 -10.12 19.36
CA PRO B 252 -35.76 -11.30 18.80
C PRO B 252 -35.45 -12.33 19.87
N ASP B 253 -36.44 -13.19 20.12
CA ASP B 253 -36.42 -14.14 21.25
C ASP B 253 -35.64 -15.46 21.08
N LYS B 254 -34.77 -15.55 20.08
CA LYS B 254 -33.87 -16.72 19.89
C LYS B 254 -32.45 -16.20 19.94
N HIS B 255 -31.67 -16.65 20.90
CA HIS B 255 -30.36 -16.07 21.08
C HIS B 255 -29.31 -17.12 20.90
N LEU B 256 -28.34 -16.80 20.05
CA LEU B 256 -27.25 -17.67 19.76
C LEU B 256 -25.99 -16.97 20.24
N GLU B 257 -25.18 -17.70 20.97
CA GLU B 257 -23.93 -17.16 21.38
C GLU B 257 -22.78 -18.07 20.90
N ALA B 258 -21.69 -17.45 20.51
CA ALA B 258 -20.56 -18.17 19.87
C ALA B 258 -19.26 -17.40 20.10
N GLY B 259 -18.13 -18.05 19.99
CA GLY B 259 -16.85 -17.36 20.13
C GLY B 259 -16.65 -16.53 18.88
N ASP B 261 -13.99 -15.15 17.26
CA ASP B 261 -12.91 -15.54 16.35
C ASP B 261 -13.19 -16.82 15.61
N LEU B 262 -13.79 -17.81 16.28
CA LEU B 262 -14.20 -19.04 15.59
C LEU B 262 -15.32 -18.77 14.58
N LEU B 263 -16.25 -17.91 14.98
CA LEU B 263 -17.33 -17.56 14.06
C LEU B 263 -16.75 -16.78 12.85
N LYS B 264 -15.87 -15.81 13.10
N LYS B 264 -15.89 -15.81 13.13
CA LYS B 264 -15.44 -14.95 11.98
CA LYS B 264 -15.36 -14.92 12.08
C LYS B 264 -14.62 -15.76 10.97
C LYS B 264 -14.59 -15.72 11.02
N GLN B 265 -13.73 -16.61 11.47
CA GLN B 265 -12.95 -17.44 10.58
C GLN B 265 -13.79 -18.44 9.75
N ALA B 266 -14.83 -19.05 10.34
CA ALA B 266 -15.77 -19.94 9.54
C ALA B 266 -16.48 -19.14 8.47
N PHE B 267 -17.01 -17.98 8.83
CA PHE B 267 -17.58 -17.11 7.78
C PHE B 267 -16.53 -16.66 6.71
N ALA B 268 -15.29 -16.33 7.13
CA ALA B 268 -14.28 -15.82 6.19
C ALA B 268 -13.93 -16.91 5.19
N ARG B 269 -13.75 -18.14 5.66
CA ARG B 269 -13.53 -19.30 4.72
C ARG B 269 -14.70 -19.57 3.80
N ALA B 270 -15.89 -19.70 4.37
CA ALA B 270 -17.10 -19.85 3.52
C ALA B 270 -17.18 -18.82 2.44
N ALA B 271 -16.88 -17.57 2.78
CA ALA B 271 -17.15 -16.45 1.82
C ALA B 271 -16.35 -16.58 0.56
N ILE B 272 -15.18 -17.18 0.69
CA ILE B 272 -14.35 -17.51 -0.45
C ILE B 272 -15.21 -18.12 -1.58
N LEU B 273 -16.09 -19.03 -1.19
CA LEU B 273 -16.87 -19.75 -2.19
C LEU B 273 -18.32 -19.16 -2.33
N SER B 274 -18.50 -17.94 -1.85
CA SER B 274 -19.77 -17.28 -2.13
C SER B 274 -19.72 -16.50 -3.45
N ASN B 275 -20.91 -16.20 -3.99
CA ASN B 275 -21.08 -15.38 -5.20
C ASN B 275 -20.37 -14.00 -5.03
N GLU B 276 -19.53 -13.61 -5.99
CA GLU B 276 -18.63 -12.49 -5.77
C GLU B 276 -19.38 -11.19 -5.72
N LYS B 277 -20.57 -11.20 -6.35
CA LYS B 277 -21.39 -9.99 -6.37
C LYS B 277 -22.34 -9.91 -5.17
N PHE B 278 -23.04 -11.01 -4.90
CA PHE B 278 -24.16 -11.00 -3.94
C PHE B 278 -23.78 -11.54 -2.57
N ARG B 279 -22.75 -12.38 -2.56
CA ARG B 279 -22.08 -12.79 -1.32
C ARG B 279 -22.99 -13.49 -0.34
N GLY B 280 -24.05 -14.13 -0.84
CA GLY B 280 -24.97 -14.86 0.02
C GLY B 280 -24.34 -16.14 0.62
N VAL B 281 -24.52 -16.32 1.93
CA VAL B 281 -24.30 -17.53 2.61
C VAL B 281 -25.58 -17.94 3.33
N ARG B 282 -25.72 -19.22 3.68
CA ARG B 282 -26.89 -19.67 4.45
C ARG B 282 -26.46 -20.08 5.81
N LEU B 283 -27.27 -19.77 6.81
CA LEU B 283 -26.98 -20.23 8.15
C LEU B 283 -28.06 -21.22 8.51
N TYR B 284 -27.66 -22.42 8.93
CA TYR B 284 -28.62 -23.32 9.60
C TYR B 284 -28.28 -23.41 11.05
N VAL B 285 -29.21 -23.07 11.91
CA VAL B 285 -28.93 -23.05 13.32
C VAL B 285 -29.75 -24.18 13.95
N SER B 286 -29.15 -24.86 14.92
CA SER B 286 -29.79 -26.02 15.52
C SER B 286 -29.26 -26.19 16.92
N GLU B 287 -29.87 -27.08 17.70
CA GLU B 287 -29.46 -27.10 19.04
C GLU B 287 -27.94 -27.11 19.08
N ASN B 288 -27.39 -26.05 19.68
CA ASN B 288 -25.95 -25.92 19.92
C ASN B 288 -25.04 -26.05 18.64
N GLN B 289 -25.60 -25.76 17.48
N GLN B 289 -25.59 -25.80 17.46
CA GLN B 289 -24.82 -25.95 16.25
CA GLN B 289 -24.76 -26.00 16.24
C GLN B 289 -25.18 -24.82 15.34
C GLN B 289 -25.13 -25.18 15.02
N LEU B 290 -24.17 -24.37 14.59
CA LEU B 290 -24.32 -23.55 13.45
C LEU B 290 -23.59 -24.14 12.27
N LYS B 291 -24.29 -24.13 11.13
CA LYS B 291 -23.77 -24.67 9.89
C LYS B 291 -23.87 -23.57 8.91
N ILE B 292 -22.75 -23.24 8.30
CA ILE B 292 -22.72 -22.17 7.31
C ILE B 292 -22.36 -22.77 5.98
N THR B 293 -23.14 -22.49 4.95
CA THR B 293 -22.81 -23.02 3.64
C THR B 293 -22.73 -21.84 2.70
N ALA B 294 -21.91 -21.96 1.66
CA ALA B 294 -21.85 -20.98 0.58
C ALA B 294 -21.75 -21.69 -0.74
N ASN B 295 -22.37 -21.17 -1.78
CA ASN B 295 -22.04 -21.61 -3.13
C ASN B 295 -22.07 -20.50 -4.14
N ASN B 296 -21.50 -20.73 -5.31
CA ASN B 296 -21.36 -19.69 -6.34
C ASN B 296 -21.86 -20.20 -7.69
N PRO B 297 -21.84 -19.34 -8.72
CA PRO B 297 -22.38 -19.84 -9.96
C PRO B 297 -21.62 -21.07 -10.51
N GLU B 298 -20.28 -21.14 -10.35
CA GLU B 298 -19.53 -22.33 -10.86
C GLU B 298 -19.84 -23.59 -10.06
N GLN B 299 -20.78 -23.53 -9.13
CA GLN B 299 -21.23 -24.65 -8.30
C GLN B 299 -20.22 -25.19 -7.29
N GLU B 300 -19.18 -24.42 -7.00
CA GLU B 300 -18.31 -24.64 -5.85
C GLU B 300 -19.10 -24.46 -4.55
N GLU B 301 -18.67 -25.12 -3.45
CA GLU B 301 -19.42 -25.08 -2.18
C GLU B 301 -18.49 -25.15 -0.99
N ALA B 302 -18.80 -24.38 0.04
CA ALA B 302 -18.10 -24.45 1.32
C ALA B 302 -19.13 -24.84 2.39
N GLU B 303 -18.70 -25.62 3.39
N GLU B 303 -18.72 -25.55 3.43
CA GLU B 303 -19.45 -25.96 4.61
CA GLU B 303 -19.58 -25.75 4.58
C GLU B 303 -18.55 -25.68 5.78
C GLU B 303 -18.72 -25.87 5.83
N GLU B 304 -19.10 -25.08 6.84
CA GLU B 304 -18.45 -24.93 8.11
C GLU B 304 -19.47 -25.34 9.14
N ILE B 305 -19.05 -26.12 10.12
CA ILE B 305 -19.92 -26.47 11.25
C ILE B 305 -19.18 -26.02 12.42
N LEU B 306 -19.83 -25.34 13.38
CA LEU B 306 -19.21 -25.14 14.68
C LEU B 306 -20.20 -25.22 15.83
N ASP B 307 -19.66 -25.43 17.01
CA ASP B 307 -20.37 -25.50 18.24
C ASP B 307 -20.68 -24.09 18.70
N VAL B 308 -21.92 -23.88 19.13
CA VAL B 308 -22.36 -22.59 19.67
C VAL B 308 -23.37 -22.85 20.80
N THR B 309 -23.85 -21.79 21.43
CA THR B 309 -24.91 -21.94 22.45
C THR B 309 -26.24 -21.51 21.85
N TYR B 310 -27.15 -22.46 21.75
CA TYR B 310 -28.44 -22.23 21.08
C TYR B 310 -29.50 -23.25 21.40
N SER B 311 -30.59 -22.78 22.00
CA SER B 311 -31.71 -23.60 22.45
C SER B 311 -33.02 -23.47 21.71
N GLY B 312 -33.20 -22.48 20.86
CA GLY B 312 -34.48 -22.30 20.19
C GLY B 312 -34.80 -23.19 18.99
N ALA B 313 -35.82 -22.83 18.20
CA ALA B 313 -36.22 -23.64 17.04
C ALA B 313 -35.20 -23.55 15.88
N GLU B 314 -35.06 -24.63 15.10
CA GLU B 314 -34.19 -24.61 13.93
C GLU B 314 -34.70 -23.61 12.94
N MET B 315 -33.80 -23.06 12.14
CA MET B 315 -34.09 -21.98 11.22
C MET B 315 -33.01 -21.96 10.15
N GLU B 316 -33.38 -21.60 8.94
CA GLU B 316 -32.39 -21.30 7.92
C GLU B 316 -32.48 -19.82 7.56
N ILE B 317 -31.33 -19.14 7.47
CA ILE B 317 -31.41 -17.70 7.20
C ILE B 317 -30.22 -17.30 6.35
N GLY B 318 -30.45 -16.45 5.37
CA GLY B 318 -29.45 -16.14 4.35
C GLY B 318 -28.89 -14.78 4.67
N PHE B 319 -27.57 -14.60 4.47
CA PHE B 319 -27.01 -13.29 4.74
C PHE B 319 -25.95 -13.02 3.74
N ASN B 320 -25.81 -11.74 3.40
CA ASN B 320 -24.60 -11.19 2.78
C ASN B 320 -23.47 -11.31 3.79
N VAL B 321 -22.48 -12.16 3.47
CA VAL B 321 -21.39 -12.47 4.40
C VAL B 321 -20.47 -11.26 4.64
N SER B 322 -20.38 -10.34 3.69
CA SER B 322 -19.55 -9.18 3.90
C SER B 322 -20.10 -8.30 5.06
N TYR B 323 -21.42 -8.11 5.06
CA TYR B 323 -22.10 -7.45 6.17
C TYR B 323 -21.78 -8.18 7.46
N VAL B 324 -21.82 -9.49 7.42
CA VAL B 324 -21.66 -10.23 8.67
C VAL B 324 -20.17 -10.10 9.18
N LEU B 325 -19.21 -10.32 8.30
CA LEU B 325 -17.81 -10.17 8.60
C LEU B 325 -17.47 -8.72 9.09
N ASP B 326 -18.04 -7.70 8.46
CA ASP B 326 -17.80 -6.26 8.85
C ASP B 326 -18.12 -6.11 10.33
N VAL B 327 -19.28 -6.68 10.72
CA VAL B 327 -19.71 -6.60 12.09
C VAL B 327 -18.74 -7.35 12.98
N LEU B 328 -18.43 -8.59 12.56
CA LEU B 328 -17.54 -9.42 13.45
C LEU B 328 -16.17 -8.79 13.55
N ASN B 329 -15.65 -8.23 12.46
CA ASN B 329 -14.38 -7.42 12.51
C ASN B 329 -14.46 -6.15 13.43
N ALA B 330 -15.60 -5.48 13.45
CA ALA B 330 -15.74 -4.25 14.29
C ALA B 330 -15.95 -4.54 15.79
N LEU B 331 -16.52 -5.69 16.08
CA LEU B 331 -16.64 -6.21 17.46
C LEU B 331 -15.29 -6.79 17.76
N LYS B 332 -14.71 -6.49 18.86
CA LYS B 332 -13.38 -7.01 19.01
C LYS B 332 -13.64 -7.46 20.40
N CYS B 333 -14.34 -8.58 20.47
CA CYS B 333 -14.65 -9.20 21.72
C CYS B 333 -14.37 -10.73 21.75
N GLU B 334 -14.58 -11.36 22.91
CA GLU B 334 -14.40 -12.82 23.00
C GLU B 334 -15.54 -13.58 22.39
N ASN B 335 -16.77 -13.21 22.79
CA ASN B 335 -18.01 -13.84 22.31
C ASN B 335 -19.00 -12.84 21.74
N VAL B 336 -19.78 -13.31 20.77
CA VAL B 336 -20.84 -12.54 20.20
C VAL B 336 -22.19 -13.22 20.42
N ARG B 337 -23.25 -12.43 20.40
CA ARG B 337 -24.62 -12.90 20.43
C ARG B 337 -25.36 -12.45 19.18
N MET B 338 -26.00 -13.42 18.53
N MET B 338 -26.01 -13.42 18.52
CA MET B 338 -26.92 -13.17 17.44
CA MET B 338 -26.81 -13.21 17.30
C MET B 338 -28.32 -13.30 17.99
C MET B 338 -28.31 -13.41 17.57
N MET B 339 -29.19 -12.38 17.57
N MET B 339 -29.04 -12.32 17.79
CA MET B 339 -30.54 -12.30 18.07
CA MET B 339 -30.45 -12.40 18.14
C MET B 339 -31.45 -12.37 16.87
C MET B 339 -31.32 -12.46 16.86
N LEU B 340 -32.17 -13.50 16.78
CA LEU B 340 -32.92 -13.85 15.61
C LEU B 340 -34.40 -13.97 15.94
N THR B 341 -35.21 -13.80 14.91
CA THR B 341 -36.65 -13.81 14.98
C THR B 341 -37.23 -14.88 14.01
N ASP B 342 -37.03 -14.69 12.71
CA ASP B 342 -37.38 -15.74 11.74
C ASP B 342 -36.50 -15.58 10.48
N SER B 343 -36.72 -16.42 9.47
CA SER B 343 -35.96 -16.44 8.21
C SER B 343 -36.04 -15.18 7.35
N VAL B 344 -37.05 -14.35 7.57
CA VAL B 344 -37.24 -13.20 6.69
C VAL B 344 -37.07 -11.90 7.47
N SER B 345 -36.63 -11.99 8.73
CA SER B 345 -36.41 -10.77 9.54
C SER B 345 -34.92 -10.50 9.93
N SER B 346 -34.59 -9.22 10.11
CA SER B 346 -33.18 -8.80 10.35
C SER B 346 -32.62 -9.47 11.62
N VAL B 347 -31.30 -9.62 11.66
CA VAL B 347 -30.66 -10.11 12.85
C VAL B 347 -29.96 -8.96 13.57
N GLN B 348 -29.84 -9.07 14.89
CA GLN B 348 -29.08 -8.13 15.66
C GLN B 348 -27.93 -8.93 16.22
N ILE B 349 -26.74 -8.33 16.18
CA ILE B 349 -25.45 -8.90 16.60
C ILE B 349 -24.80 -7.94 17.59
N GLU B 350 -24.28 -8.43 18.73
CA GLU B 350 -23.58 -7.56 19.66
C GLU B 350 -22.55 -8.40 20.38
N ASP B 351 -21.67 -7.71 21.15
CA ASP B 351 -20.74 -8.33 22.13
C ASP B 351 -21.68 -9.04 23.02
N ALA B 352 -21.42 -10.29 23.34
CA ALA B 352 -22.22 -10.98 24.37
C ALA B 352 -22.05 -10.32 25.73
N ALA B 353 -20.88 -9.71 25.99
CA ALA B 353 -20.60 -9.07 27.29
C ALA B 353 -20.77 -7.53 27.35
N SER B 354 -21.35 -6.93 26.31
CA SER B 354 -21.53 -5.44 26.28
C SER B 354 -22.66 -4.99 25.36
N GLN B 355 -23.40 -3.94 25.75
CA GLN B 355 -24.51 -3.44 24.97
C GLN B 355 -24.23 -2.06 24.39
N SER B 356 -23.01 -1.56 24.69
CA SER B 356 -22.41 -0.39 24.06
C SER B 356 -22.76 -0.24 22.57
N ALA B 357 -22.60 -1.32 21.80
CA ALA B 357 -22.85 -1.27 20.33
C ALA B 357 -23.84 -2.36 19.88
N ALA B 358 -24.58 -2.09 18.85
CA ALA B 358 -25.58 -3.01 18.30
C ALA B 358 -25.43 -2.95 16.85
N TYR B 359 -25.59 -4.11 16.20
CA TYR B 359 -25.52 -4.19 14.75
C TYR B 359 -26.76 -4.89 14.27
N VAL B 360 -27.36 -4.36 13.19
CA VAL B 360 -28.56 -4.96 12.65
C VAL B 360 -28.33 -5.22 11.16
N VAL B 361 -28.66 -6.40 10.70
CA VAL B 361 -28.43 -6.76 9.35
C VAL B 361 -29.67 -7.47 8.83
N MET B 362 -30.11 -7.04 7.64
N MET B 362 -30.13 -7.03 7.65
CA MET B 362 -31.31 -7.63 7.07
CA MET B 362 -31.31 -7.61 7.04
C MET B 362 -30.92 -8.91 6.33
C MET B 362 -30.90 -8.91 6.35
N PRO B 363 -31.72 -9.97 6.49
CA PRO B 363 -31.42 -11.23 5.82
C PRO B 363 -31.58 -11.07 4.32
N MET B 364 -30.95 -11.95 3.56
CA MET B 364 -31.06 -11.94 2.12
C MET B 364 -31.88 -13.16 1.73
N ARG B 365 -32.65 -13.08 0.64
CA ARG B 365 -33.23 -14.33 0.14
C ARG B 365 -32.31 -15.00 -0.90
N LEU B 366 -31.86 -16.20 -0.54
CA LEU B 366 -30.94 -16.98 -1.37
C LEU B 366 -31.74 -17.88 -2.34
#